data_2GF3
#
_entry.id   2GF3
#
_cell.length_a   72.727
_cell.length_b   69.440
_cell.length_c   73.671
_cell.angle_alpha   90.00
_cell.angle_beta   94.16
_cell.angle_gamma   90.00
#
_symmetry.space_group_name_H-M   'P 1 21 1'
#
loop_
_entity.id
_entity.type
_entity.pdbx_description
1 polymer 'Monomeric sarcosine oxidase'
2 non-polymer 'CHLORIDE ION'
3 non-polymer 'PHOSPHATE ION'
4 non-polymer 'FLAVIN-ADENINE DINUCLEOTIDE'
5 non-polymer '2-FUROIC ACID'
6 non-polymer GLYCEROL
7 water water
#
_entity_poly.entity_id   1
_entity_poly.type   'polypeptide(L)'
_entity_poly.pdbx_seq_one_letter_code
;STHFDVIVVGAGSMGMAAGYQLAKQGVKTLLVDAFDPPHTNGSHHGDTRIIRHAYGEGREYVPLALRSQELWYELEKETH
HKIFTKTGVLVFGPKGESAFVAETMEAAKEHSLTVDLLEGDEINKRWPGITVPENYNAIFEPNSGVLFSENCIRAYRELA
EARGAKVLTHTRVEDFDISPDSVKIETANGSYTADKLIVSMGAWNSKLLSKLNLDIPLQPYRQVVGFFESDESKYSNDID
FPGFMVEVPNGIYYGFPSFGGCGLKLGYHTFGQKIDPDTINREFGVYPEDESNLRAFLEEYMPGANGELKRGAVCMYTKT
LDEHFIIDLHPEHSNVVIAAGFSGHGFKFSSGVGEVLSQLALTGKTEHDISIFSINRPALKESLQKTTI
;
_entity_poly.pdbx_strand_id   A,B
#
loop_
_chem_comp.id
_chem_comp.type
_chem_comp.name
_chem_comp.formula
CL non-polymer 'CHLORIDE ION' 'Cl -1'
FAD non-polymer 'FLAVIN-ADENINE DINUCLEOTIDE' 'C27 H33 N9 O15 P2'
FOA non-polymer '2-FUROIC ACID' 'C5 H4 O3'
GOL non-polymer GLYCEROL 'C3 H8 O3'
PO4 non-polymer 'PHOSPHATE ION' 'O4 P -3'
#
# COMPACT_ATOMS: atom_id res chain seq x y z
N SER A 1 -47.78 -8.33 23.63
CA SER A 1 -48.86 -7.32 23.74
C SER A 1 -48.32 -5.95 24.15
N THR A 2 -47.06 -5.68 23.80
CA THR A 2 -46.44 -4.40 24.14
C THR A 2 -45.90 -3.70 22.90
N HIS A 3 -46.55 -2.61 22.52
CA HIS A 3 -46.13 -1.82 21.37
C HIS A 3 -44.99 -0.97 21.92
N PHE A 4 -44.15 -0.41 21.05
CA PHE A 4 -43.07 0.48 21.48
C PHE A 4 -43.11 1.73 20.61
N ASP A 5 -42.50 2.82 21.06
CA ASP A 5 -42.43 4.02 20.21
C ASP A 5 -41.38 3.75 19.12
N VAL A 6 -40.24 3.20 19.53
CA VAL A 6 -39.14 2.90 18.62
C VAL A 6 -38.51 1.54 18.91
N ILE A 7 -38.21 0.79 17.85
CA ILE A 7 -37.48 -0.46 17.97
C ILE A 7 -36.14 -0.25 17.26
N VAL A 8 -35.05 -0.65 17.93
CA VAL A 8 -33.71 -0.62 17.38
C VAL A 8 -33.30 -2.07 17.16
N VAL A 9 -32.97 -2.42 15.92
CA VAL A 9 -32.52 -3.78 15.58
C VAL A 9 -31.01 -3.74 15.42
N GLY A 10 -30.33 -4.37 16.37
CA GLY A 10 -28.88 -4.36 16.39
C GLY A 10 -28.49 -3.32 17.43
N ALA A 11 -28.22 -3.78 18.63
CA ALA A 11 -27.89 -2.89 19.76
C ALA A 11 -26.40 -2.88 19.99
N GLY A 12 -25.67 -2.59 18.92
CA GLY A 12 -24.23 -2.54 19.00
C GLY A 12 -23.73 -1.10 19.14
N SER A 13 -22.64 -0.79 18.46
N SER A 13 -22.64 -0.80 18.45
CA SER A 13 -22.03 0.55 18.55
CA SER A 13 -22.04 0.54 18.53
C SER A 13 -23.06 1.65 18.26
C SER A 13 -23.04 1.64 18.25
N MET A 14 -23.70 1.56 17.11
CA MET A 14 -24.67 2.58 16.74
C MET A 14 -26.00 2.45 17.42
N GLY A 15 -26.52 1.23 17.49
CA GLY A 15 -27.83 1.03 18.08
C GLY A 15 -27.90 1.32 19.56
N MET A 16 -26.89 0.94 20.32
CA MET A 16 -26.96 1.20 21.75
C MET A 16 -26.87 2.70 22.03
N ALA A 17 -26.05 3.44 21.28
CA ALA A 17 -25.98 4.89 21.44
C ALA A 17 -27.35 5.50 21.11
N ALA A 18 -27.99 5.04 20.05
CA ALA A 18 -29.33 5.54 19.70
C ALA A 18 -30.30 5.24 20.82
N GLY A 19 -30.22 4.03 21.40
CA GLY A 19 -31.10 3.65 22.49
C GLY A 19 -30.96 4.58 23.68
N TYR A 20 -29.72 4.92 24.01
CA TYR A 20 -29.45 5.86 25.11
C TYR A 20 -30.09 7.22 24.82
N GLN A 21 -29.89 7.74 23.61
CA GLN A 21 -30.45 9.05 23.24
C GLN A 21 -31.97 9.03 23.30
N LEU A 22 -32.59 7.95 22.83
CA LEU A 22 -34.04 7.86 22.86
C LEU A 22 -34.59 7.74 24.29
N ALA A 23 -33.99 6.87 25.10
CA ALA A 23 -34.46 6.66 26.46
C ALA A 23 -34.34 7.93 27.31
N LYS A 24 -33.28 8.69 27.10
CA LYS A 24 -33.02 9.92 27.84
C LYS A 24 -34.16 10.90 27.65
N GLN A 25 -34.88 10.77 26.54
CA GLN A 25 -36.01 11.63 26.24
C GLN A 25 -37.36 11.04 26.58
N GLY A 26 -37.38 9.92 27.28
CA GLY A 26 -38.65 9.33 27.65
C GLY A 26 -39.34 8.57 26.52
N VAL A 27 -38.61 8.28 25.45
CA VAL A 27 -39.17 7.52 24.33
C VAL A 27 -39.15 6.03 24.67
N LYS A 28 -40.30 5.36 24.57
CA LYS A 28 -40.43 3.93 24.91
C LYS A 28 -39.72 3.12 23.81
N THR A 29 -38.59 2.55 24.18
CA THR A 29 -37.73 1.89 23.22
C THR A 29 -37.40 0.43 23.53
N LEU A 30 -37.37 -0.37 22.47
CA LEU A 30 -36.98 -1.77 22.55
C LEU A 30 -35.74 -1.92 21.67
N LEU A 31 -34.68 -2.49 22.24
CA LEU A 31 -33.45 -2.78 21.47
C LEU A 31 -33.37 -4.29 21.39
N VAL A 32 -33.14 -4.82 20.20
CA VAL A 32 -33.09 -6.27 20.03
C VAL A 32 -31.74 -6.61 19.45
N ASP A 33 -31.04 -7.56 20.07
CA ASP A 33 -29.74 -7.96 19.58
C ASP A 33 -29.63 -9.47 19.50
N ALA A 34 -28.92 -9.93 18.48
CA ALA A 34 -28.68 -11.37 18.28
C ALA A 34 -27.83 -11.99 19.40
N PHE A 35 -27.07 -11.15 20.11
CA PHE A 35 -26.23 -11.61 21.22
C PHE A 35 -26.50 -10.72 22.43
N ASP A 36 -25.51 -10.49 23.31
CA ASP A 36 -25.72 -9.68 24.50
C ASP A 36 -24.58 -8.65 24.50
N PRO A 37 -24.82 -7.46 23.94
CA PRO A 37 -23.76 -6.44 23.87
C PRO A 37 -23.30 -5.85 25.17
N PRO A 38 -21.99 -5.59 25.28
CA PRO A 38 -20.97 -5.82 24.25
C PRO A 38 -20.55 -7.30 24.15
N HIS A 39 -20.24 -7.73 22.95
CA HIS A 39 -19.85 -9.12 22.73
C HIS A 39 -18.71 -9.18 21.73
N THR A 40 -18.31 -10.40 21.36
CA THR A 40 -17.18 -10.56 20.44
C THR A 40 -17.54 -11.10 19.07
N ASN A 41 -18.79 -10.97 18.65
CA ASN A 41 -19.22 -11.49 17.37
C ASN A 41 -19.47 -10.42 16.33
N GLY A 42 -19.37 -9.15 16.74
CA GLY A 42 -19.62 -8.04 15.85
C GLY A 42 -18.39 -7.26 15.48
N SER A 43 -18.55 -5.93 15.51
CA SER A 43 -17.48 -5.01 15.11
C SER A 43 -16.97 -4.12 16.24
N HIS A 44 -17.33 -4.40 17.49
CA HIS A 44 -16.96 -3.48 18.57
C HIS A 44 -16.02 -3.96 19.66
N HIS A 45 -15.49 -5.18 19.55
CA HIS A 45 -14.62 -5.72 20.58
C HIS A 45 -13.14 -5.51 20.28
N GLY A 46 -12.26 -6.09 21.10
CA GLY A 46 -10.85 -5.82 20.92
C GLY A 46 -10.42 -4.67 21.86
N ASP A 47 -11.33 -4.30 22.77
N ASP A 47 -11.31 -4.32 22.80
CA ASP A 47 -11.11 -3.30 23.81
CA ASP A 47 -11.06 -3.29 23.81
C ASP A 47 -11.02 -1.81 23.51
C ASP A 47 -11.07 -1.82 23.47
N THR A 48 -10.22 -1.46 22.50
CA THR A 48 -9.97 -0.07 22.17
C THR A 48 -10.23 0.34 20.75
N ARG A 49 -10.53 1.62 20.62
CA ARG A 49 -10.78 2.25 19.33
C ARG A 49 -10.15 3.65 19.30
N ILE A 50 -9.60 4.02 18.16
CA ILE A 50 -9.05 5.35 18.01
C ILE A 50 -10.17 6.35 17.69
N ILE A 51 -10.09 7.52 18.32
CA ILE A 51 -10.88 8.67 17.88
C ILE A 51 -9.88 9.73 17.45
N ARG A 52 -10.07 10.23 16.23
CA ARG A 52 -9.27 11.29 15.60
C ARG A 52 -10.24 12.39 15.25
N HIS A 53 -9.74 13.62 15.19
CA HIS A 53 -10.59 14.73 14.77
C HIS A 53 -10.18 15.21 13.36
N ALA A 54 -8.88 15.39 13.12
CA ALA A 54 -8.35 15.78 11.82
C ALA A 54 -8.52 14.48 11.12
N TYR A 55 -9.40 14.51 10.13
CA TYR A 55 -9.81 13.27 9.45
C TYR A 55 -9.27 12.98 8.03
N GLY A 56 -8.34 12.03 7.93
CA GLY A 56 -7.74 11.63 6.66
C GLY A 56 -8.70 11.09 5.61
N GLU A 57 -9.84 10.52 6.03
CA GLU A 57 -10.83 10.00 5.09
C GLU A 57 -11.62 11.15 4.47
N GLY A 58 -11.53 12.32 5.08
CA GLY A 58 -12.23 13.47 4.56
C GLY A 58 -12.55 14.50 5.62
N ARG A 59 -12.20 15.75 5.33
CA ARG A 59 -12.43 16.86 6.23
C ARG A 59 -13.91 17.02 6.60
N GLU A 60 -14.83 16.53 5.75
CA GLU A 60 -16.26 16.66 6.06
C GLU A 60 -16.75 15.88 7.29
N TYR A 61 -15.91 15.00 7.83
CA TYR A 61 -16.29 14.22 9.03
C TYR A 61 -15.95 14.97 10.32
N VAL A 62 -15.24 16.09 10.19
CA VAL A 62 -14.77 16.78 11.39
C VAL A 62 -15.81 17.24 12.40
N PRO A 63 -16.89 17.88 11.95
CA PRO A 63 -17.91 18.34 12.91
C PRO A 63 -18.49 17.17 13.71
N LEU A 64 -18.74 16.06 13.01
CA LEU A 64 -19.29 14.90 13.69
C LEU A 64 -18.27 14.30 14.67
N ALA A 65 -16.99 14.33 14.30
CA ALA A 65 -15.97 13.84 15.22
C ALA A 65 -15.90 14.73 16.45
N LEU A 66 -15.99 16.06 16.27
CA LEU A 66 -15.89 16.95 17.41
C LEU A 66 -17.12 16.80 18.32
N ARG A 67 -18.30 16.69 17.72
CA ARG A 67 -19.50 16.49 18.56
C ARG A 67 -19.38 15.15 19.29
N SER A 68 -18.91 14.11 18.58
CA SER A 68 -18.78 12.80 19.23
C SER A 68 -17.80 12.88 20.40
N GLN A 69 -16.67 13.58 20.22
CA GLN A 69 -15.71 13.74 21.31
C GLN A 69 -16.37 14.36 22.56
N GLU A 70 -17.17 15.40 22.34
N GLU A 70 -17.17 15.40 22.34
CA GLU A 70 -17.88 16.07 23.44
CA GLU A 70 -17.88 16.05 23.45
C GLU A 70 -18.79 15.06 24.13
C GLU A 70 -18.79 15.05 24.14
N LEU A 71 -19.51 14.27 23.35
CA LEU A 71 -20.40 13.26 23.89
C LEU A 71 -19.64 12.19 24.67
N TRP A 72 -18.43 11.82 24.23
CA TRP A 72 -17.66 10.82 24.98
C TRP A 72 -17.23 11.40 26.33
N TYR A 73 -16.84 12.68 26.36
CA TYR A 73 -16.51 13.31 27.64
C TYR A 73 -17.77 13.35 28.55
N GLU A 74 -18.94 13.55 27.96
CA GLU A 74 -20.17 13.52 28.78
C GLU A 74 -20.39 12.14 29.32
N LEU A 75 -20.20 11.12 28.48
CA LEU A 75 -20.40 9.76 28.94
C LEU A 75 -19.44 9.42 30.09
N GLU A 76 -18.18 9.86 29.99
CA GLU A 76 -17.21 9.60 31.04
C GLU A 76 -17.75 10.10 32.39
N LYS A 77 -18.43 11.25 32.36
CA LYS A 77 -18.96 11.81 33.60
C LYS A 77 -20.20 11.09 34.14
N GLU A 78 -20.89 10.36 33.28
CA GLU A 78 -22.14 9.69 33.64
C GLU A 78 -22.01 8.27 34.13
N THR A 79 -20.87 7.64 33.92
CA THR A 79 -20.72 6.23 34.28
C THR A 79 -19.46 5.98 35.08
N HIS A 80 -19.41 4.81 35.73
CA HIS A 80 -18.22 4.38 36.45
C HIS A 80 -17.25 3.63 35.52
N HIS A 81 -17.68 3.25 34.32
CA HIS A 81 -16.80 2.59 33.38
C HIS A 81 -15.86 3.61 32.72
N LYS A 82 -14.63 3.18 32.44
CA LYS A 82 -13.67 4.06 31.77
C LYS A 82 -14.04 4.22 30.30
N ILE A 83 -14.11 5.46 29.82
CA ILE A 83 -14.50 5.75 28.45
C ILE A 83 -13.38 6.19 27.52
N PHE A 84 -12.55 7.14 27.96
CA PHE A 84 -11.57 7.77 27.08
C PHE A 84 -10.26 8.10 27.74
N THR A 85 -9.16 7.83 27.03
CA THR A 85 -7.83 8.22 27.51
C THR A 85 -7.24 9.07 26.39
N LYS A 86 -6.73 10.27 26.72
CA LYS A 86 -6.22 11.20 25.73
C LYS A 86 -4.76 10.95 25.38
N THR A 87 -4.55 9.88 24.63
CA THR A 87 -3.23 9.45 24.20
C THR A 87 -2.65 10.33 23.10
N GLY A 88 -3.50 11.06 22.40
CA GLY A 88 -3.06 11.77 21.20
C GLY A 88 -3.04 10.73 20.07
N VAL A 89 -3.06 11.18 18.84
CA VAL A 89 -3.00 10.27 17.71
C VAL A 89 -1.96 10.79 16.71
N LEU A 90 -1.02 9.92 16.38
CA LEU A 90 0.04 10.21 15.43
C LEU A 90 -0.29 9.62 14.08
N VAL A 91 -0.18 10.43 13.05
CA VAL A 91 -0.39 10.00 11.66
C VAL A 91 0.91 10.29 10.91
N PHE A 92 1.48 9.29 10.24
CA PHE A 92 2.71 9.52 9.48
C PHE A 92 2.70 8.72 8.19
N GLY A 93 3.62 9.09 7.30
CA GLY A 93 3.74 8.42 6.03
C GLY A 93 4.87 9.04 5.24
N PRO A 94 5.21 8.48 4.07
CA PRO A 94 6.30 9.04 3.26
C PRO A 94 5.88 10.39 2.72
N LYS A 95 6.76 11.39 2.85
CA LYS A 95 6.47 12.72 2.36
C LYS A 95 5.99 12.72 0.89
N GLY A 96 4.87 13.36 0.62
CA GLY A 96 4.34 13.44 -0.74
C GLY A 96 3.73 12.18 -1.33
N GLU A 97 3.62 11.11 -0.54
CA GLU A 97 3.09 9.87 -1.08
C GLU A 97 1.87 9.31 -0.38
N SER A 98 1.33 10.05 0.58
N SER A 98 1.33 10.06 0.58
CA SER A 98 0.14 9.57 1.30
CA SER A 98 0.16 9.60 1.33
C SER A 98 -1.02 10.55 1.24
C SER A 98 -1.02 10.56 1.24
N ALA A 99 -2.07 10.15 0.56
CA ALA A 99 -3.26 10.98 0.44
C ALA A 99 -3.89 11.08 1.84
N PHE A 100 -3.77 10.01 2.62
CA PHE A 100 -4.31 9.98 3.97
C PHE A 100 -3.63 11.05 4.84
N VAL A 101 -2.31 11.08 4.84
CA VAL A 101 -1.59 12.09 5.62
C VAL A 101 -1.93 13.49 5.12
N ALA A 102 -1.93 13.68 3.80
CA ALA A 102 -2.22 14.99 3.24
C ALA A 102 -3.61 15.49 3.62
N GLU A 103 -4.63 14.63 3.54
CA GLU A 103 -5.98 15.08 3.88
C GLU A 103 -6.10 15.31 5.38
N THR A 104 -5.36 14.56 6.20
CA THR A 104 -5.38 14.79 7.65
C THR A 104 -4.87 16.21 7.90
N MET A 105 -3.76 16.57 7.24
CA MET A 105 -3.19 17.91 7.39
C MET A 105 -4.16 18.99 6.88
N GLU A 106 -4.80 18.76 5.75
CA GLU A 106 -5.75 19.75 5.24
C GLU A 106 -6.94 19.91 6.16
N ALA A 107 -7.44 18.79 6.70
CA ALA A 107 -8.58 18.84 7.59
C ALA A 107 -8.24 19.65 8.85
N ALA A 108 -7.04 19.45 9.36
CA ALA A 108 -6.63 20.19 10.56
C ALA A 108 -6.59 21.70 10.28
N LYS A 109 -6.04 22.08 9.13
CA LYS A 109 -5.95 23.49 8.76
C LYS A 109 -7.34 24.07 8.54
N GLU A 110 -8.18 23.37 7.77
CA GLU A 110 -9.51 23.87 7.49
C GLU A 110 -10.40 24.04 8.70
N HIS A 111 -10.13 23.25 9.74
CA HIS A 111 -10.99 23.32 10.92
C HIS A 111 -10.31 23.89 12.17
N SER A 112 -9.11 24.43 11.96
N SER A 112 -9.12 24.46 11.97
CA SER A 112 -8.30 25.03 13.01
CA SER A 112 -8.32 25.06 13.05
C SER A 112 -8.09 24.09 14.19
C SER A 112 -8.11 24.09 14.21
N LEU A 113 -7.76 22.85 13.89
CA LEU A 113 -7.50 21.85 14.93
C LEU A 113 -6.06 22.03 15.41
N THR A 114 -5.84 21.68 16.68
CA THR A 114 -4.53 21.77 17.29
C THR A 114 -3.69 20.54 16.94
N VAL A 115 -2.61 20.76 16.21
CA VAL A 115 -1.73 19.67 15.78
C VAL A 115 -0.28 20.09 15.74
N ASP A 116 0.62 19.11 15.79
CA ASP A 116 2.06 19.35 15.68
C ASP A 116 2.50 18.69 14.37
N LEU A 117 3.36 19.37 13.61
CA LEU A 117 3.88 18.85 12.35
C LEU A 117 5.35 18.54 12.59
N LEU A 118 5.79 17.35 12.20
CA LEU A 118 7.18 17.03 12.36
C LEU A 118 7.61 16.03 11.30
N GLU A 119 8.91 15.86 11.16
CA GLU A 119 9.36 14.94 10.15
C GLU A 119 10.67 14.25 10.45
N GLY A 120 10.83 13.12 9.76
CA GLY A 120 12.03 12.32 9.88
C GLY A 120 12.46 12.01 11.29
N ASP A 121 13.72 12.31 11.59
CA ASP A 121 14.27 12.01 12.89
C ASP A 121 13.55 12.69 14.05
N GLU A 122 12.79 13.76 13.78
CA GLU A 122 12.05 14.45 14.85
C GLU A 122 11.01 13.50 15.44
N ILE A 123 10.47 12.64 14.58
CA ILE A 123 9.47 11.65 15.01
C ILE A 123 10.14 10.62 15.94
N ASN A 124 11.28 10.09 15.50
CA ASN A 124 12.00 9.07 16.26
C ASN A 124 12.50 9.63 17.60
N LYS A 125 12.89 10.90 17.60
CA LYS A 125 13.37 11.53 18.81
C LYS A 125 12.23 11.83 19.80
N ARG A 126 11.09 12.28 19.29
CA ARG A 126 9.99 12.60 20.19
C ARG A 126 9.39 11.38 20.85
N TRP A 127 9.27 10.28 20.12
CA TRP A 127 8.68 9.06 20.66
C TRP A 127 9.64 7.89 20.53
N PRO A 128 10.53 7.71 21.52
CA PRO A 128 11.47 6.61 21.51
C PRO A 128 10.65 5.35 21.26
N GLY A 129 11.12 4.51 20.35
CA GLY A 129 10.38 3.31 20.00
C GLY A 129 9.88 3.34 18.57
N ILE A 130 9.81 4.53 17.96
CA ILE A 130 9.38 4.62 16.57
C ILE A 130 10.62 4.80 15.73
N THR A 131 10.71 4.06 14.63
CA THR A 131 11.87 4.22 13.73
C THR A 131 11.36 4.37 12.31
N VAL A 132 11.17 5.61 11.87
CA VAL A 132 10.72 5.87 10.50
C VAL A 132 11.88 6.41 9.67
N PRO A 133 11.80 6.24 8.35
CA PRO A 133 12.85 6.74 7.47
C PRO A 133 12.84 8.27 7.53
N GLU A 134 13.96 8.89 7.17
CA GLU A 134 14.06 10.34 7.22
C GLU A 134 13.10 11.07 6.27
N ASN A 135 12.62 10.38 5.25
CA ASN A 135 11.71 11.01 4.29
C ASN A 135 10.22 10.94 4.68
N TYR A 136 9.95 10.52 5.91
CA TYR A 136 8.56 10.45 6.39
C TYR A 136 8.21 11.76 7.10
N ASN A 137 6.94 12.16 7.00
CA ASN A 137 6.48 13.33 7.74
C ASN A 137 5.31 12.88 8.59
N ALA A 138 4.90 13.74 9.51
CA ALA A 138 3.84 13.39 10.44
C ALA A 138 3.04 14.58 10.91
N ILE A 139 1.85 14.24 11.37
CA ILE A 139 0.96 15.20 12.00
C ILE A 139 0.47 14.50 13.27
N PHE A 140 0.67 15.16 14.40
CA PHE A 140 0.26 14.61 15.69
C PHE A 140 -0.87 15.45 16.26
N GLU A 141 -1.95 14.80 16.68
CA GLU A 141 -3.12 15.48 17.25
C GLU A 141 -3.09 15.17 18.74
N PRO A 142 -2.66 16.13 19.58
CA PRO A 142 -2.59 15.85 21.00
C PRO A 142 -3.86 15.62 21.75
N ASN A 143 -4.96 16.15 21.25
CA ASN A 143 -6.20 16.08 22.04
C ASN A 143 -7.20 15.03 21.66
N SER A 144 -6.83 14.17 20.71
CA SER A 144 -7.71 13.04 20.40
C SER A 144 -7.12 11.83 21.15
N GLY A 145 -7.57 10.61 20.85
CA GLY A 145 -7.08 9.54 21.69
C GLY A 145 -7.75 8.20 21.49
N VAL A 146 -8.00 7.53 22.62
CA VAL A 146 -8.51 6.18 22.62
C VAL A 146 -9.77 5.99 23.45
N LEU A 147 -10.73 5.31 22.84
CA LEU A 147 -11.99 4.94 23.48
C LEU A 147 -11.98 3.47 23.88
N PHE A 148 -12.58 3.15 25.02
CA PHE A 148 -12.72 1.75 25.46
C PHE A 148 -14.11 1.39 24.99
N SER A 149 -14.14 0.81 23.79
CA SER A 149 -15.40 0.59 23.09
C SER A 149 -16.41 -0.32 23.75
N GLU A 150 -15.96 -1.43 24.33
CA GLU A 150 -16.89 -2.33 25.02
C GLU A 150 -17.45 -1.59 26.22
N ASN A 151 -16.62 -0.79 26.91
CA ASN A 151 -17.10 0.01 28.04
C ASN A 151 -18.13 1.03 27.58
N CYS A 152 -17.94 1.63 26.41
CA CYS A 152 -18.90 2.61 25.88
C CYS A 152 -20.27 1.98 25.69
N ILE A 153 -20.30 0.82 25.05
CA ILE A 153 -21.57 0.14 24.80
C ILE A 153 -22.21 -0.29 26.12
N ARG A 154 -21.41 -0.81 27.05
N ARG A 154 -21.43 -0.83 27.05
CA ARG A 154 -21.90 -1.25 28.34
CA ARG A 154 -22.03 -1.25 28.32
C ARG A 154 -22.51 -0.08 29.10
C ARG A 154 -22.58 -0.04 29.05
N ALA A 155 -21.85 1.07 29.07
CA ALA A 155 -22.34 2.27 29.77
C ALA A 155 -23.63 2.78 29.13
N TYR A 156 -23.65 2.89 27.79
CA TYR A 156 -24.89 3.35 27.16
C TYR A 156 -26.03 2.39 27.46
N ARG A 157 -25.75 1.09 27.48
CA ARG A 157 -26.81 0.14 27.77
C ARG A 157 -27.32 0.32 29.20
N GLU A 158 -26.43 0.43 30.17
CA GLU A 158 -26.85 0.57 31.56
C GLU A 158 -27.64 1.84 31.78
N LEU A 159 -27.21 2.93 31.15
CA LEU A 159 -27.91 4.19 31.31
C LEU A 159 -29.27 4.16 30.62
N ALA A 160 -29.33 3.55 29.44
CA ALA A 160 -30.59 3.47 28.71
C ALA A 160 -31.58 2.60 29.47
N GLU A 161 -31.11 1.45 29.95
CA GLU A 161 -32.01 0.57 30.71
C GLU A 161 -32.51 1.22 31.98
N ALA A 162 -31.67 1.99 32.65
CA ALA A 162 -32.11 2.66 33.87
C ALA A 162 -33.25 3.63 33.57
N ARG A 163 -33.27 4.17 32.36
CA ARG A 163 -34.31 5.11 31.96
C ARG A 163 -35.51 4.41 31.32
N GLY A 164 -35.51 3.09 31.35
CA GLY A 164 -36.66 2.37 30.84
C GLY A 164 -36.53 1.64 29.52
N ALA A 165 -35.42 1.79 28.81
CA ALA A 165 -35.26 1.06 27.56
C ALA A 165 -35.22 -0.43 27.88
N LYS A 166 -35.78 -1.24 26.98
CA LYS A 166 -35.77 -2.69 27.17
C LYS A 166 -34.81 -3.27 26.14
N VAL A 167 -33.98 -4.22 26.56
CA VAL A 167 -33.03 -4.87 25.67
C VAL A 167 -33.33 -6.37 25.66
N LEU A 168 -33.72 -6.87 24.49
CA LEU A 168 -34.04 -8.28 24.28
C LEU A 168 -32.82 -8.88 23.62
N THR A 169 -32.11 -9.70 24.40
CA THR A 169 -30.86 -10.30 23.96
C THR A 169 -30.99 -11.68 23.35
N HIS A 170 -29.93 -12.12 22.68
CA HIS A 170 -29.86 -13.44 22.10
C HIS A 170 -31.05 -13.74 21.21
N THR A 171 -31.52 -12.70 20.54
CA THR A 171 -32.72 -12.78 19.71
C THR A 171 -32.45 -12.19 18.34
N ARG A 172 -32.39 -13.04 17.34
CA ARG A 172 -32.13 -12.59 15.98
C ARG A 172 -33.40 -12.16 15.26
N VAL A 173 -33.38 -10.96 14.69
CA VAL A 173 -34.51 -10.53 13.90
C VAL A 173 -34.34 -11.26 12.56
N GLU A 174 -35.41 -11.89 12.09
CA GLU A 174 -35.37 -12.66 10.86
C GLU A 174 -36.13 -12.01 9.71
N ASP A 175 -37.06 -11.11 10.01
CA ASP A 175 -37.83 -10.43 8.96
C ASP A 175 -38.44 -9.15 9.48
N PHE A 176 -38.89 -8.32 8.54
CA PHE A 176 -39.50 -7.03 8.82
C PHE A 176 -40.78 -6.87 8.03
N ASP A 177 -41.74 -6.17 8.61
CA ASP A 177 -43.02 -5.89 7.95
C ASP A 177 -43.27 -4.41 8.18
N ILE A 178 -43.10 -3.61 7.14
CA ILE A 178 -43.27 -2.17 7.27
C ILE A 178 -44.55 -1.65 6.63
N SER A 179 -45.30 -0.86 7.38
N SER A 179 -45.30 -0.88 7.42
CA SER A 179 -46.53 -0.29 6.85
CA SER A 179 -46.56 -0.28 7.01
C SER A 179 -46.38 1.21 6.93
C SER A 179 -46.45 1.25 7.07
N PRO A 180 -47.36 1.95 6.40
CA PRO A 180 -47.26 3.41 6.46
C PRO A 180 -47.28 4.01 7.87
N ASP A 181 -47.96 3.35 8.81
CA ASP A 181 -48.08 3.87 10.17
C ASP A 181 -47.45 3.03 11.28
N SER A 182 -46.73 1.98 10.92
CA SER A 182 -46.11 1.13 11.92
C SER A 182 -45.02 0.24 11.35
N VAL A 183 -44.20 -0.31 12.23
CA VAL A 183 -43.14 -1.22 11.82
C VAL A 183 -43.26 -2.48 12.69
N LYS A 184 -42.84 -3.60 12.14
CA LYS A 184 -42.92 -4.87 12.86
C LYS A 184 -41.69 -5.72 12.56
N ILE A 185 -41.16 -6.37 13.59
CA ILE A 185 -40.05 -7.28 13.44
C ILE A 185 -40.50 -8.68 13.85
N GLU A 186 -39.90 -9.68 13.21
CA GLU A 186 -40.21 -11.07 13.48
C GLU A 186 -38.96 -11.78 14.00
N THR A 187 -39.11 -12.51 15.10
CA THR A 187 -38.00 -13.26 15.71
C THR A 187 -38.54 -14.59 16.25
N ALA A 188 -37.63 -15.53 16.53
CA ALA A 188 -38.03 -16.81 17.08
C ALA A 188 -38.62 -16.65 18.48
N ASN A 189 -38.33 -15.53 19.14
CA ASN A 189 -38.84 -15.28 20.49
C ASN A 189 -40.11 -14.41 20.47
N GLY A 190 -40.61 -14.09 19.27
CA GLY A 190 -41.83 -13.30 19.19
C GLY A 190 -41.72 -12.13 18.24
N SER A 191 -42.86 -11.53 17.89
N SER A 191 -42.87 -11.54 17.91
CA SER A 191 -42.89 -10.38 16.99
CA SER A 191 -42.94 -10.38 17.02
C SER A 191 -43.15 -9.14 17.83
C SER A 191 -43.21 -9.11 17.81
N TYR A 192 -42.61 -8.01 17.38
CA TYR A 192 -42.76 -6.75 18.09
C TYR A 192 -43.08 -5.64 17.12
N THR A 193 -43.87 -4.67 17.58
CA THR A 193 -44.28 -3.54 16.77
C THR A 193 -43.95 -2.19 17.40
N ALA A 194 -43.83 -1.17 16.55
CA ALA A 194 -43.53 0.20 17.01
C ALA A 194 -43.91 1.18 15.94
N ASP A 195 -43.73 2.45 16.26
CA ASP A 195 -44.02 3.50 15.32
C ASP A 195 -42.82 3.73 14.37
N LYS A 196 -41.62 3.51 14.88
CA LYS A 196 -40.40 3.76 14.12
C LYS A 196 -39.40 2.65 14.32
N LEU A 197 -38.56 2.47 13.30
CA LEU A 197 -37.55 1.43 13.33
C LEU A 197 -36.16 1.99 13.00
N ILE A 198 -35.16 1.60 13.80
CA ILE A 198 -33.76 1.94 13.49
C ILE A 198 -33.09 0.59 13.20
N VAL A 199 -32.43 0.49 12.06
CA VAL A 199 -31.77 -0.75 11.65
C VAL A 199 -30.27 -0.50 11.67
N SER A 200 -29.59 -1.22 12.55
CA SER A 200 -28.15 -1.03 12.77
C SER A 200 -27.53 -2.38 13.10
N MET A 201 -27.57 -3.28 12.11
CA MET A 201 -27.10 -4.65 12.29
C MET A 201 -25.64 -4.93 11.96
N GLY A 202 -24.85 -3.89 11.77
CA GLY A 202 -23.43 -4.10 11.51
C GLY A 202 -23.17 -4.95 10.29
N ALA A 203 -22.29 -5.94 10.42
CA ALA A 203 -21.95 -6.77 9.27
C ALA A 203 -23.17 -7.48 8.72
N TRP A 204 -24.18 -7.74 9.55
CA TRP A 204 -25.38 -8.43 9.06
C TRP A 204 -26.27 -7.56 8.19
N ASN A 205 -26.00 -6.26 8.16
CA ASN A 205 -26.74 -5.40 7.24
C ASN A 205 -26.48 -5.91 5.80
N SER A 206 -25.31 -6.51 5.56
CA SER A 206 -24.97 -7.01 4.21
C SER A 206 -25.82 -8.21 3.79
N LYS A 207 -26.53 -8.82 4.74
CA LYS A 207 -27.36 -9.99 4.45
C LYS A 207 -28.85 -9.76 4.64
N LEU A 208 -29.22 -8.88 5.57
CA LEU A 208 -30.62 -8.70 5.88
C LEU A 208 -31.31 -7.45 5.38
N LEU A 209 -30.59 -6.50 4.78
CA LEU A 209 -31.27 -5.32 4.28
C LEU A 209 -32.17 -5.69 3.11
N SER A 210 -31.91 -6.84 2.49
CA SER A 210 -32.78 -7.31 1.41
C SER A 210 -34.21 -7.55 1.93
N LYS A 211 -34.35 -7.83 3.23
CA LYS A 211 -35.68 -8.04 3.83
C LYS A 211 -36.44 -6.72 3.95
N LEU A 212 -35.77 -5.61 3.66
CA LEU A 212 -36.37 -4.28 3.66
C LEU A 212 -36.40 -3.78 2.21
N ASN A 213 -36.26 -4.72 1.27
CA ASN A 213 -36.30 -4.39 -0.15
C ASN A 213 -35.15 -3.48 -0.59
N LEU A 214 -34.01 -3.57 0.08
CA LEU A 214 -32.87 -2.75 -0.32
C LEU A 214 -31.78 -3.61 -0.94
N ASP A 215 -31.14 -3.07 -1.97
CA ASP A 215 -30.03 -3.73 -2.65
C ASP A 215 -28.91 -2.71 -2.63
N ILE A 216 -27.99 -2.89 -1.70
CA ILE A 216 -26.87 -1.97 -1.56
C ILE A 216 -25.59 -2.75 -1.40
N PRO A 217 -24.60 -2.52 -2.26
CA PRO A 217 -23.35 -3.26 -2.12
C PRO A 217 -22.69 -3.00 -0.78
N LEU A 218 -22.52 -4.07 -0.01
CA LEU A 218 -21.86 -4.00 1.30
C LEU A 218 -21.00 -5.25 1.43
N GLN A 219 -19.73 -5.07 1.75
CA GLN A 219 -18.85 -6.21 1.90
C GLN A 219 -18.20 -6.34 3.26
N PRO A 220 -18.53 -7.41 4.00
CA PRO A 220 -17.91 -7.62 5.31
C PRO A 220 -16.50 -8.16 5.11
N TYR A 221 -15.61 -7.71 5.98
CA TYR A 221 -14.19 -8.10 5.96
C TYR A 221 -13.73 -8.56 7.32
N ARG A 222 -12.93 -9.63 7.34
CA ARG A 222 -12.34 -10.17 8.57
C ARG A 222 -11.08 -9.37 8.84
N GLN A 223 -11.06 -8.72 10.01
CA GLN A 223 -9.97 -7.81 10.40
C GLN A 223 -9.45 -8.18 11.75
N VAL A 224 -8.19 -8.59 11.81
CA VAL A 224 -7.61 -9.03 13.07
C VAL A 224 -6.72 -7.98 13.71
N VAL A 225 -6.50 -8.13 15.01
CA VAL A 225 -5.59 -7.27 15.76
C VAL A 225 -4.82 -8.16 16.71
N GLY A 226 -3.58 -7.75 17.02
CA GLY A 226 -2.79 -8.51 17.96
C GLY A 226 -2.16 -7.58 18.99
N PHE A 227 -1.96 -8.11 20.20
CA PHE A 227 -1.34 -7.40 21.32
C PHE A 227 0.01 -8.08 21.50
N PHE A 228 1.08 -7.29 21.56
CA PHE A 228 2.45 -7.82 21.63
C PHE A 228 3.24 -7.35 22.84
N GLU A 229 4.03 -8.25 23.41
CA GLU A 229 4.86 -7.88 24.55
C GLU A 229 5.80 -6.81 24.01
N SER A 230 5.90 -5.72 24.75
CA SER A 230 6.67 -4.56 24.33
C SER A 230 7.54 -3.95 25.40
N ASP A 231 8.49 -3.12 24.98
CA ASP A 231 9.36 -2.41 25.92
C ASP A 231 8.46 -1.35 26.58
N GLU A 232 8.07 -1.59 27.81
CA GLU A 232 7.14 -0.66 28.49
C GLU A 232 7.73 0.72 28.72
N SER A 233 9.06 0.82 28.77
CA SER A 233 9.69 2.13 28.96
C SER A 233 9.54 3.01 27.70
N LYS A 234 9.07 2.42 26.61
CA LYS A 234 8.86 3.16 25.37
C LYS A 234 7.42 3.18 24.90
N TYR A 235 6.73 2.05 25.01
CA TYR A 235 5.40 1.92 24.40
C TYR A 235 4.20 2.05 25.30
N SER A 236 4.43 2.29 26.59
CA SER A 236 3.31 2.44 27.51
C SER A 236 2.61 3.78 27.38
N ASN A 237 1.29 3.74 27.61
CA ASN A 237 0.52 4.97 27.66
C ASN A 237 1.10 5.85 28.81
N ASP A 238 1.69 5.22 29.83
CA ASP A 238 2.22 6.00 30.96
C ASP A 238 3.41 6.87 30.57
N ILE A 239 4.11 6.54 29.48
CA ILE A 239 5.21 7.36 29.01
C ILE A 239 4.81 8.13 27.72
N ASP A 240 3.50 8.26 27.55
CA ASP A 240 2.91 9.03 26.47
C ASP A 240 3.13 8.52 25.04
N PHE A 241 3.28 7.20 24.90
CA PHE A 241 3.35 6.67 23.55
C PHE A 241 1.91 6.91 23.02
N PRO A 242 1.78 7.38 21.78
CA PRO A 242 0.47 7.68 21.22
C PRO A 242 -0.27 6.57 20.51
N GLY A 243 -1.57 6.79 20.32
CA GLY A 243 -2.29 5.92 19.39
C GLY A 243 -1.79 6.37 18.01
N PHE A 244 -1.98 5.56 16.98
CA PHE A 244 -1.48 5.94 15.66
C PHE A 244 -2.23 5.29 14.54
N MET A 245 -2.24 5.96 13.39
CA MET A 245 -2.81 5.43 12.16
C MET A 245 -1.88 5.98 11.09
N VAL A 246 -1.20 5.09 10.41
CA VAL A 246 -0.15 5.49 9.47
C VAL A 246 -0.22 4.80 8.12
N GLU A 247 0.34 5.46 7.12
CA GLU A 247 0.36 4.89 5.78
C GLU A 247 1.77 4.64 5.33
N VAL A 248 2.04 3.40 4.93
CA VAL A 248 3.33 3.02 4.42
C VAL A 248 3.06 2.47 2.99
N PRO A 249 4.11 2.21 2.20
CA PRO A 249 3.89 1.70 0.83
C PRO A 249 2.90 0.56 0.68
N ASN A 250 2.89 -0.38 1.61
CA ASN A 250 1.96 -1.49 1.45
C ASN A 250 0.65 -1.40 2.22
N GLY A 251 0.31 -0.18 2.66
CA GLY A 251 -1.00 0.01 3.27
C GLY A 251 -1.04 0.84 4.54
N ILE A 252 -2.21 0.82 5.18
CA ILE A 252 -2.44 1.57 6.40
C ILE A 252 -2.49 0.63 7.59
N TYR A 253 -1.79 1.01 8.64
CA TYR A 253 -1.72 0.27 9.90
C TYR A 253 -2.14 1.20 11.01
N TYR A 254 -2.63 0.63 12.10
CA TYR A 254 -3.04 1.45 13.24
C TYR A 254 -2.69 0.71 14.51
N GLY A 255 -2.56 1.46 15.60
CA GLY A 255 -2.20 0.82 16.83
C GLY A 255 -2.43 1.70 18.05
N PHE A 256 -2.14 1.07 19.17
CA PHE A 256 -2.40 1.64 20.49
C PHE A 256 -1.26 1.40 21.45
N PRO A 257 -1.00 2.34 22.36
CA PRO A 257 0.07 2.14 23.34
C PRO A 257 -0.40 1.03 24.30
N SER A 258 0.55 0.44 25.02
CA SER A 258 0.25 -0.56 26.03
C SER A 258 -0.41 0.13 27.23
N PHE A 259 -1.56 -0.39 27.66
CA PHE A 259 -2.28 0.15 28.81
C PHE A 259 -2.16 -0.88 29.92
N GLY A 260 -1.58 -0.48 31.03
CA GLY A 260 -1.42 -1.39 32.15
C GLY A 260 -0.70 -2.68 31.79
N GLY A 261 0.26 -2.61 30.86
CA GLY A 261 1.02 -3.78 30.47
C GLY A 261 0.36 -4.78 29.54
N CYS A 262 -0.73 -4.39 28.87
CA CYS A 262 -1.43 -5.31 27.97
C CYS A 262 -0.66 -5.52 26.67
N GLY A 263 0.32 -4.65 26.42
CA GLY A 263 1.11 -4.73 25.19
C GLY A 263 0.57 -3.81 24.12
N LEU A 264 1.46 -3.39 23.22
CA LEU A 264 1.06 -2.55 22.09
C LEU A 264 0.12 -3.38 21.22
N LYS A 265 -0.96 -2.75 20.78
CA LYS A 265 -1.94 -3.42 19.93
C LYS A 265 -1.81 -2.89 18.51
N LEU A 266 -1.81 -3.78 17.53
CA LEU A 266 -1.68 -3.36 16.13
C LEU A 266 -2.69 -4.04 15.23
N GLY A 267 -3.12 -3.32 14.20
CA GLY A 267 -3.99 -3.88 13.17
C GLY A 267 -3.56 -3.37 11.80
N TYR A 268 -3.84 -4.15 10.76
CA TYR A 268 -3.54 -3.79 9.37
C TYR A 268 -4.93 -3.45 8.81
N HIS A 269 -5.10 -2.20 8.40
CA HIS A 269 -6.39 -1.66 7.97
C HIS A 269 -6.83 -1.89 6.54
N THR A 270 -5.89 -1.85 5.60
CA THR A 270 -6.29 -1.94 4.21
C THR A 270 -6.41 -3.32 3.62
N PHE A 271 -6.12 -4.34 4.42
CA PHE A 271 -6.28 -5.73 3.96
C PHE A 271 -7.07 -6.52 4.98
N GLY A 272 -7.93 -7.39 4.48
CA GLY A 272 -8.73 -8.29 5.31
C GLY A 272 -9.35 -9.34 4.39
N GLN A 273 -9.81 -10.46 4.93
CA GLN A 273 -10.46 -11.48 4.09
C GLN A 273 -11.93 -11.15 3.87
N LYS A 274 -12.42 -11.33 2.65
CA LYS A 274 -13.84 -11.10 2.39
C LYS A 274 -14.56 -12.27 3.05
N ILE A 275 -15.55 -12.00 3.88
CA ILE A 275 -16.24 -13.07 4.58
C ILE A 275 -17.74 -12.84 4.69
N ASP A 276 -18.42 -13.83 5.28
CA ASP A 276 -19.86 -13.74 5.55
C ASP A 276 -19.89 -13.74 7.10
N PRO A 277 -20.69 -12.85 7.71
CA PRO A 277 -20.72 -12.81 9.17
C PRO A 277 -21.19 -14.03 9.91
N ASP A 278 -21.89 -14.92 9.22
CA ASP A 278 -22.35 -16.14 9.86
C ASP A 278 -21.39 -17.30 9.65
N THR A 279 -20.33 -17.13 8.85
CA THR A 279 -19.38 -18.24 8.68
C THR A 279 -17.92 -17.87 8.92
N ILE A 280 -17.68 -16.60 9.24
CA ILE A 280 -16.34 -16.12 9.50
C ILE A 280 -15.63 -16.94 10.58
N ASN A 281 -14.35 -17.19 10.38
CA ASN A 281 -13.56 -17.90 11.38
C ASN A 281 -13.03 -16.83 12.33
N ARG A 282 -13.54 -16.85 13.56
CA ARG A 282 -13.17 -15.86 14.56
C ARG A 282 -11.98 -16.19 15.43
N GLU A 283 -11.21 -17.18 15.01
CA GLU A 283 -10.01 -17.55 15.76
C GLU A 283 -8.78 -16.87 15.15
N PHE A 284 -8.06 -16.12 15.99
CA PHE A 284 -6.86 -15.43 15.52
C PHE A 284 -5.76 -16.43 15.25
N GLY A 285 -5.11 -16.29 14.12
CA GLY A 285 -3.99 -17.17 13.80
C GLY A 285 -4.28 -18.32 12.86
N VAL A 286 -5.53 -18.49 12.45
CA VAL A 286 -5.85 -19.59 11.53
C VAL A 286 -5.32 -19.33 10.11
N TYR A 287 -4.98 -18.07 9.82
CA TYR A 287 -4.39 -17.71 8.53
C TYR A 287 -3.00 -17.21 8.93
N PRO A 288 -1.95 -17.62 8.22
CA PRO A 288 -0.63 -17.13 8.62
C PRO A 288 -0.45 -15.61 8.56
N GLU A 289 -1.19 -14.94 7.69
CA GLU A 289 -1.08 -13.48 7.57
C GLU A 289 -1.57 -12.74 8.80
N ASP A 290 -2.40 -13.38 9.62
CA ASP A 290 -2.92 -12.72 10.82
C ASP A 290 -1.77 -12.12 11.64
N GLU A 291 -0.80 -12.95 11.99
CA GLU A 291 0.32 -12.50 12.79
C GLU A 291 1.45 -11.94 11.92
N SER A 292 1.73 -12.54 10.76
CA SER A 292 2.85 -12.07 9.96
C SER A 292 2.71 -10.66 9.39
N ASN A 293 1.49 -10.25 9.04
CA ASN A 293 1.33 -8.90 8.50
C ASN A 293 1.59 -7.85 9.59
N LEU A 294 1.33 -8.21 10.84
CA LEU A 294 1.57 -7.30 11.95
C LEU A 294 3.07 -7.22 12.27
N ARG A 295 3.75 -8.36 12.37
CA ARG A 295 5.17 -8.32 12.65
C ARG A 295 5.98 -7.66 11.52
N ALA A 296 5.52 -7.73 10.28
CA ALA A 296 6.25 -7.09 9.18
C ALA A 296 6.31 -5.58 9.45
N PHE A 297 5.24 -5.01 10.00
CA PHE A 297 5.22 -3.59 10.33
C PHE A 297 6.07 -3.32 11.57
N LEU A 298 5.85 -4.10 12.61
CA LEU A 298 6.57 -3.86 13.86
C LEU A 298 8.07 -3.93 13.74
N GLU A 299 8.58 -4.96 13.06
CA GLU A 299 10.02 -5.09 12.97
C GLU A 299 10.67 -3.92 12.24
N GLU A 300 9.93 -3.27 11.36
CA GLU A 300 10.46 -2.12 10.63
C GLU A 300 10.26 -0.76 11.30
N TYR A 301 9.09 -0.56 11.91
CA TYR A 301 8.76 0.75 12.48
C TYR A 301 8.66 0.92 13.98
N MET A 302 8.43 -0.17 14.69
CA MET A 302 8.30 -0.14 16.16
C MET A 302 8.95 -1.43 16.64
N PRO A 303 10.26 -1.52 16.42
CA PRO A 303 11.01 -2.73 16.78
C PRO A 303 11.02 -3.26 18.19
N GLY A 304 10.78 -2.40 19.16
CA GLY A 304 10.74 -2.84 20.53
C GLY A 304 9.38 -3.30 21.00
N ALA A 305 8.40 -3.32 20.08
CA ALA A 305 7.02 -3.76 20.38
C ALA A 305 6.72 -5.02 19.56
N ASN A 306 7.74 -5.83 19.32
CA ASN A 306 7.59 -7.02 18.48
C ASN A 306 7.92 -8.28 19.27
N GLY A 307 7.48 -8.37 20.52
CA GLY A 307 7.75 -9.55 21.33
C GLY A 307 6.67 -10.60 21.19
N GLU A 308 6.53 -11.46 22.20
CA GLU A 308 5.53 -12.50 22.16
C GLU A 308 4.12 -11.98 21.94
N LEU A 309 3.34 -12.72 21.16
CA LEU A 309 1.94 -12.37 20.93
C LEU A 309 1.21 -12.73 22.22
N LYS A 310 0.61 -11.74 22.85
CA LYS A 310 -0.11 -11.94 24.10
C LYS A 310 -1.59 -12.24 23.92
N ARG A 311 -2.18 -11.70 22.86
CA ARG A 311 -3.61 -11.83 22.65
C ARG A 311 -3.91 -11.46 21.21
N GLY A 312 -4.92 -12.10 20.63
CA GLY A 312 -5.36 -11.78 19.29
C GLY A 312 -6.88 -11.67 19.28
N ALA A 313 -7.44 -10.92 18.34
CA ALA A 313 -8.89 -10.79 18.24
C ALA A 313 -9.24 -10.71 16.76
N VAL A 314 -10.46 -11.13 16.44
CA VAL A 314 -10.97 -11.14 15.08
C VAL A 314 -12.27 -10.37 15.06
N CYS A 315 -12.34 -9.35 14.22
CA CYS A 315 -13.49 -8.49 14.18
C CYS A 315 -13.87 -8.22 12.72
N MET A 316 -14.92 -7.46 12.46
CA MET A 316 -15.35 -7.22 11.08
C MET A 316 -15.55 -5.76 10.70
N TYR A 317 -15.19 -5.43 9.48
CA TYR A 317 -15.50 -4.11 8.91
C TYR A 317 -16.64 -4.42 7.93
N THR A 318 -17.50 -3.44 7.62
CA THR A 318 -18.53 -3.63 6.60
C THR A 318 -18.36 -2.43 5.66
N LYS A 319 -17.80 -2.68 4.48
CA LYS A 319 -17.50 -1.59 3.57
C LYS A 319 -18.53 -1.27 2.49
N THR A 320 -18.69 0.02 2.21
CA THR A 320 -19.50 0.49 1.10
C THR A 320 -18.49 0.71 -0.03
N LEU A 321 -18.97 0.95 -1.26
CA LEU A 321 -18.03 1.14 -2.38
C LEU A 321 -17.16 2.38 -2.26
N ASP A 322 -17.66 3.44 -1.61
CA ASP A 322 -16.89 4.67 -1.46
C ASP A 322 -16.29 4.83 -0.05
N GLU A 323 -16.52 3.83 0.80
CA GLU A 323 -16.04 3.79 2.17
C GLU A 323 -16.60 4.88 3.06
N HIS A 324 -17.71 5.49 2.64
CA HIS A 324 -18.41 6.46 3.48
C HIS A 324 -19.62 5.75 4.07
N PHE A 325 -20.09 6.25 5.20
CA PHE A 325 -21.20 5.59 5.90
C PHE A 325 -22.53 5.75 5.18
N ILE A 326 -23.52 4.98 5.65
CA ILE A 326 -24.90 5.12 5.20
C ILE A 326 -25.70 5.47 6.47
N ILE A 327 -26.25 6.68 6.52
CA ILE A 327 -27.07 7.11 7.66
C ILE A 327 -28.18 7.89 7.00
N ASP A 328 -29.39 7.33 6.99
CA ASP A 328 -30.47 8.00 6.28
C ASP A 328 -31.76 7.27 6.53
N LEU A 329 -32.85 7.87 6.07
CA LEU A 329 -34.13 7.21 6.11
C LEU A 329 -34.19 6.24 4.93
N HIS A 330 -34.98 5.18 5.09
CA HIS A 330 -35.21 4.22 4.02
C HIS A 330 -35.89 5.04 2.89
N PRO A 331 -35.45 4.90 1.63
CA PRO A 331 -36.08 5.68 0.57
C PRO A 331 -37.58 5.47 0.34
N GLU A 332 -38.12 4.34 0.78
CA GLU A 332 -39.55 4.07 0.62
C GLU A 332 -40.33 4.15 1.93
N HIS A 333 -39.63 4.27 3.06
CA HIS A 333 -40.31 4.29 4.37
C HIS A 333 -39.68 5.32 5.30
N SER A 334 -40.34 6.46 5.48
N SER A 334 -40.35 6.46 5.48
CA SER A 334 -39.81 7.50 6.35
CA SER A 334 -39.82 7.50 6.36
C SER A 334 -39.77 7.09 7.82
C SER A 334 -39.80 7.11 7.82
N ASN A 335 -40.45 6.00 8.15
CA ASN A 335 -40.48 5.51 9.53
C ASN A 335 -39.40 4.47 9.79
N VAL A 336 -38.48 4.32 8.84
CA VAL A 336 -37.36 3.37 8.98
C VAL A 336 -36.04 4.12 8.78
N VAL A 337 -35.12 3.99 9.74
CA VAL A 337 -33.81 4.64 9.70
C VAL A 337 -32.76 3.58 9.51
N ILE A 338 -31.81 3.80 8.61
CA ILE A 338 -30.72 2.86 8.32
C ILE A 338 -29.36 3.42 8.73
N ALA A 339 -28.57 2.63 9.44
CA ALA A 339 -27.20 2.98 9.84
C ALA A 339 -26.37 1.78 9.40
N ALA A 340 -25.57 1.94 8.36
CA ALA A 340 -24.83 0.81 7.83
C ALA A 340 -23.54 1.22 7.15
N GLY A 341 -22.69 0.24 6.85
CA GLY A 341 -21.49 0.50 6.06
C GLY A 341 -20.44 1.40 6.65
N PHE A 342 -20.14 1.20 7.93
CA PHE A 342 -19.17 2.04 8.60
C PHE A 342 -17.73 1.89 8.19
N SER A 343 -17.51 0.90 7.31
CA SER A 343 -16.24 0.76 6.59
C SER A 343 -14.96 0.82 7.39
N GLY A 344 -15.02 0.25 8.59
CA GLY A 344 -13.85 0.18 9.44
C GLY A 344 -13.45 1.45 10.17
N HIS A 345 -14.30 2.49 10.16
CA HIS A 345 -13.91 3.72 10.85
C HIS A 345 -15.06 4.44 11.53
N GLY A 346 -16.07 3.69 11.94
CA GLY A 346 -17.21 4.34 12.54
C GLY A 346 -17.31 4.42 14.05
N PHE A 347 -16.51 3.66 14.82
CA PHE A 347 -16.78 3.66 16.24
C PHE A 347 -16.65 5.00 16.90
N LYS A 348 -15.64 5.76 16.52
CA LYS A 348 -15.39 7.08 17.13
C LYS A 348 -16.61 7.98 17.00
N PHE A 349 -17.41 7.78 15.96
CA PHE A 349 -18.60 8.61 15.73
C PHE A 349 -19.86 8.03 16.33
N SER A 350 -19.78 6.88 16.99
CA SER A 350 -21.03 6.25 17.43
C SER A 350 -21.86 7.09 18.38
N SER A 351 -21.21 7.87 19.24
CA SER A 351 -21.98 8.73 20.15
C SER A 351 -22.77 9.77 19.32
N GLY A 352 -22.11 10.45 18.38
CA GLY A 352 -22.79 11.41 17.53
C GLY A 352 -23.82 10.75 16.62
N VAL A 353 -23.51 9.56 16.10
CA VAL A 353 -24.47 8.88 15.23
C VAL A 353 -25.70 8.48 16.05
N GLY A 354 -25.52 8.11 17.32
CA GLY A 354 -26.69 7.77 18.13
C GLY A 354 -27.64 8.97 18.17
N GLU A 355 -27.07 10.17 18.29
CA GLU A 355 -27.87 11.40 18.33
C GLU A 355 -28.57 11.60 16.99
N VAL A 356 -27.83 11.44 15.90
CA VAL A 356 -28.44 11.57 14.58
C VAL A 356 -29.59 10.58 14.36
N LEU A 357 -29.38 9.31 14.71
CA LEU A 357 -30.40 8.29 14.51
C LEU A 357 -31.65 8.61 15.34
N SER A 358 -31.45 9.10 16.55
N SER A 358 -31.45 9.10 16.56
CA SER A 358 -32.59 9.44 17.39
CA SER A 358 -32.61 9.43 17.41
C SER A 358 -33.39 10.54 16.71
C SER A 358 -33.39 10.60 16.81
N GLN A 359 -32.70 11.56 16.20
CA GLN A 359 -33.37 12.69 15.55
C GLN A 359 -34.11 12.21 14.31
N LEU A 360 -33.47 11.39 13.50
CA LEU A 360 -34.14 10.88 12.30
C LEU A 360 -35.37 10.05 12.65
N ALA A 361 -35.28 9.23 13.69
CA ALA A 361 -36.40 8.40 14.08
C ALA A 361 -37.57 9.21 14.62
N LEU A 362 -37.28 10.24 15.41
CA LEU A 362 -38.33 11.04 16.03
C LEU A 362 -38.89 12.15 15.16
N THR A 363 -38.08 12.69 14.26
CA THR A 363 -38.52 13.83 13.45
C THR A 363 -38.39 13.70 11.95
N GLY A 364 -37.68 12.68 11.48
CA GLY A 364 -37.46 12.51 10.05
C GLY A 364 -36.38 13.41 9.50
N LYS A 365 -35.71 14.16 10.38
CA LYS A 365 -34.64 15.07 9.99
C LYS A 365 -33.60 15.11 11.11
N THR A 366 -32.47 15.76 10.84
CA THR A 366 -31.45 15.89 11.85
C THR A 366 -30.81 17.26 11.70
N GLU A 367 -30.29 17.80 12.80
CA GLU A 367 -29.64 19.10 12.73
C GLU A 367 -28.23 18.89 12.17
N HIS A 368 -27.77 17.64 12.10
CA HIS A 368 -26.44 17.35 11.55
C HIS A 368 -26.46 17.35 10.02
N ASP A 369 -25.33 17.69 9.42
CA ASP A 369 -25.24 17.64 7.95
C ASP A 369 -24.78 16.22 7.65
N ILE A 370 -25.70 15.43 7.09
CA ILE A 370 -25.38 14.05 6.78
C ILE A 370 -25.52 13.74 5.31
N SER A 371 -25.49 14.76 4.47
CA SER A 371 -25.60 14.57 3.02
C SER A 371 -24.60 13.56 2.45
N ILE A 372 -23.37 13.56 2.95
CA ILE A 372 -22.39 12.64 2.40
C ILE A 372 -22.68 11.17 2.72
N PHE A 373 -23.64 10.93 3.61
CA PHE A 373 -24.01 9.55 4.03
C PHE A 373 -25.36 9.13 3.44
N SER A 374 -25.82 9.89 2.44
CA SER A 374 -27.10 9.61 1.79
C SER A 374 -27.19 8.22 1.20
N ILE A 375 -28.32 7.57 1.44
CA ILE A 375 -28.52 6.22 0.92
C ILE A 375 -28.81 6.26 -0.59
N ASN A 376 -29.10 7.45 -1.11
CA ASN A 376 -29.42 7.64 -2.54
C ASN A 376 -28.24 8.16 -3.36
N ARG A 377 -27.07 8.31 -2.75
CA ARG A 377 -25.93 8.86 -3.48
C ARG A 377 -25.46 7.92 -4.57
N PRO A 378 -25.01 8.49 -5.72
CA PRO A 378 -24.54 7.68 -6.84
C PRO A 378 -23.44 6.65 -6.57
N ALA A 379 -22.45 7.02 -5.78
CA ALA A 379 -21.31 6.13 -5.53
C ALA A 379 -21.61 4.90 -4.73
N LEU A 380 -22.77 4.90 -4.09
CA LEU A 380 -23.17 3.79 -3.26
C LEU A 380 -23.70 2.66 -4.12
N LYS A 381 -24.44 3.04 -5.16
CA LYS A 381 -25.06 2.10 -6.09
C LYS A 381 -26.27 1.41 -5.45
N GLU A 382 -27.07 2.18 -4.70
CA GLU A 382 -28.25 1.65 -4.04
C GLU A 382 -29.43 1.50 -5.00
N SER A 383 -30.31 0.55 -4.71
CA SER A 383 -31.50 0.29 -5.52
C SER A 383 -32.46 -0.60 -4.73
N LEU A 384 -33.62 -0.86 -5.31
CA LEU A 384 -34.61 -1.70 -4.68
C LEU A 384 -34.52 -3.09 -5.31
N GLN A 385 -35.31 -4.05 -4.81
CA GLN A 385 -35.27 -5.41 -5.36
C GLN A 385 -35.91 -5.58 -6.73
N SER B 1 48.55 -8.52 -15.04
CA SER B 1 49.68 -8.28 -15.97
C SER B 1 49.25 -8.04 -17.40
N THR B 2 47.95 -7.94 -17.64
CA THR B 2 47.46 -7.64 -18.99
C THR B 2 46.70 -6.33 -18.88
N HIS B 3 47.11 -5.39 -19.72
CA HIS B 3 46.57 -4.04 -19.75
C HIS B 3 45.46 -3.82 -20.76
N PHE B 4 44.44 -3.10 -20.33
CA PHE B 4 43.30 -2.72 -21.17
C PHE B 4 43.12 -1.21 -21.01
N ASP B 5 42.34 -0.60 -21.88
CA ASP B 5 42.04 0.82 -21.76
C ASP B 5 41.05 0.99 -20.60
N VAL B 6 40.02 0.13 -20.56
CA VAL B 6 38.98 0.22 -19.52
C VAL B 6 38.58 -1.18 -19.06
N ILE B 7 38.36 -1.33 -17.76
CA ILE B 7 37.89 -2.59 -17.20
C ILE B 7 36.49 -2.33 -16.62
N VAL B 8 35.55 -3.23 -16.94
CA VAL B 8 34.18 -3.16 -16.42
C VAL B 8 34.01 -4.35 -15.49
N VAL B 9 33.75 -4.09 -14.21
CA VAL B 9 33.50 -5.16 -13.24
C VAL B 9 32.00 -5.25 -12.99
N GLY B 10 31.44 -6.35 -13.48
CA GLY B 10 29.99 -6.58 -13.42
C GLY B 10 29.47 -6.32 -14.82
N ALA B 11 29.35 -7.38 -15.62
CA ALA B 11 28.92 -7.23 -17.00
C ALA B 11 27.47 -7.62 -17.20
N GLY B 12 26.59 -6.98 -16.42
CA GLY B 12 25.18 -7.26 -16.51
C GLY B 12 24.47 -6.18 -17.31
N SER B 13 23.32 -5.76 -16.82
N SER B 13 23.31 -5.76 -16.81
CA SER B 13 22.52 -4.74 -17.51
CA SER B 13 22.50 -4.73 -17.48
C SER B 13 23.33 -3.50 -17.87
C SER B 13 23.26 -3.46 -17.85
N MET B 14 23.92 -2.86 -16.86
CA MET B 14 24.67 -1.63 -17.08
C MET B 14 26.06 -1.87 -17.66
N GLY B 15 26.75 -2.86 -17.12
CA GLY B 15 28.12 -3.12 -17.55
C GLY B 15 28.23 -3.59 -18.98
N MET B 16 27.34 -4.48 -19.43
CA MET B 16 27.45 -4.95 -20.80
C MET B 16 27.10 -3.82 -21.79
N ALA B 17 26.14 -2.95 -21.44
CA ALA B 17 25.82 -1.80 -22.29
C ALA B 17 27.04 -0.87 -22.38
N ALA B 18 27.70 -0.63 -21.25
CA ALA B 18 28.90 0.22 -21.26
C ALA B 18 29.98 -0.43 -22.12
N GLY B 19 30.12 -1.75 -22.00
CA GLY B 19 31.11 -2.47 -22.79
C GLY B 19 30.88 -2.29 -24.29
N TYR B 20 29.64 -2.38 -24.71
CA TYR B 20 29.30 -2.20 -26.11
C TYR B 20 29.64 -0.77 -26.57
N GLN B 21 29.26 0.22 -25.76
CA GLN B 21 29.55 1.61 -26.13
C GLN B 21 31.05 1.86 -26.26
N LEU B 22 31.84 1.29 -25.36
CA LEU B 22 33.29 1.45 -25.41
C LEU B 22 33.90 0.70 -26.59
N ALA B 23 33.52 -0.56 -26.77
CA ALA B 23 34.10 -1.36 -27.86
C ALA B 23 33.82 -0.77 -29.24
N LYS B 24 32.63 -0.21 -29.43
CA LYS B 24 32.24 0.37 -30.71
C LYS B 24 33.12 1.58 -31.07
N GLN B 25 33.77 2.17 -30.08
CA GLN B 25 34.65 3.33 -30.31
C GLN B 25 36.10 2.93 -30.39
N GLY B 26 36.35 1.63 -30.38
CA GLY B 26 37.71 1.15 -30.47
C GLY B 26 38.48 1.19 -29.17
N VAL B 27 37.77 1.28 -28.05
CA VAL B 27 38.43 1.28 -26.74
C VAL B 27 38.63 -0.18 -26.32
N LYS B 28 39.86 -0.56 -25.97
CA LYS B 28 40.21 -1.94 -25.55
C LYS B 28 39.58 -2.18 -24.19
N THR B 29 38.57 -3.03 -24.16
CA THR B 29 37.79 -3.25 -22.95
C THR B 29 37.76 -4.69 -22.46
N LEU B 30 37.82 -4.84 -21.14
CA LEU B 30 37.72 -6.13 -20.48
C LEU B 30 36.46 -6.06 -19.60
N LEU B 31 35.57 -7.02 -19.79
CA LEU B 31 34.34 -7.10 -19.00
C LEU B 31 34.47 -8.34 -18.14
N VAL B 32 34.35 -8.17 -16.84
CA VAL B 32 34.48 -9.28 -15.91
C VAL B 32 33.17 -9.55 -15.20
N ASP B 33 32.74 -10.82 -15.19
CA ASP B 33 31.50 -11.17 -14.53
C ASP B 33 31.63 -12.41 -13.67
N ALA B 34 30.96 -12.39 -12.52
CA ALA B 34 30.97 -13.52 -11.58
C ALA B 34 30.26 -14.75 -12.15
N PHE B 35 29.40 -14.55 -13.15
CA PHE B 35 28.68 -15.66 -13.78
C PHE B 35 28.88 -15.57 -15.31
N ASP B 36 27.91 -15.98 -16.11
CA ASP B 36 28.06 -15.99 -17.58
C ASP B 36 26.82 -15.26 -18.11
N PRO B 37 26.91 -13.93 -18.31
CA PRO B 37 25.75 -13.14 -18.76
C PRO B 37 25.26 -13.31 -20.17
N PRO B 38 23.93 -13.27 -20.37
CA PRO B 38 22.89 -13.11 -19.35
C PRO B 38 22.71 -14.39 -18.55
N HIS B 39 22.39 -14.25 -17.27
CA HIS B 39 22.20 -15.40 -16.41
C HIS B 39 21.01 -15.17 -15.48
N THR B 40 20.79 -16.10 -14.55
CA THR B 40 19.62 -16.01 -13.68
C THR B 40 19.97 -15.78 -12.23
N ASN B 41 21.16 -15.25 -11.97
CA ASN B 41 21.57 -15.00 -10.59
C ASN B 41 21.62 -13.54 -10.21
N GLY B 42 21.36 -12.65 -11.16
CA GLY B 42 21.39 -11.22 -10.91
C GLY B 42 20.02 -10.58 -10.94
N SER B 43 19.95 -9.43 -11.61
CA SER B 43 18.72 -8.66 -11.67
C SER B 43 18.14 -8.50 -13.07
N HIS B 44 18.60 -9.28 -14.04
CA HIS B 44 18.16 -9.08 -15.43
C HIS B 44 17.37 -10.18 -16.11
N HIS B 45 17.05 -11.27 -15.40
CA HIS B 45 16.30 -12.37 -16.02
C HIS B 45 14.80 -12.29 -15.81
N GLY B 46 14.05 -13.32 -16.19
CA GLY B 46 12.61 -13.18 -16.11
C GLY B 46 12.05 -12.70 -17.45
N ASP B 47 12.91 -12.70 -18.46
N ASP B 47 12.94 -12.69 -18.46
CA ASP B 47 12.57 -12.38 -19.85
CA ASP B 47 12.69 -12.34 -19.85
C ASP B 47 12.27 -10.95 -20.27
C ASP B 47 12.28 -10.93 -20.28
N THR B 48 11.37 -10.30 -19.55
CA THR B 48 10.87 -8.98 -19.94
C THR B 48 10.97 -7.90 -18.91
N ARG B 49 11.05 -6.68 -19.41
CA ARG B 49 11.15 -5.48 -18.57
C ARG B 49 10.31 -4.38 -19.23
N ILE B 50 9.64 -3.57 -18.41
CA ILE B 50 8.87 -2.45 -18.91
C ILE B 50 9.77 -1.24 -19.15
N ILE B 51 9.53 -0.54 -20.25
CA ILE B 51 10.12 0.78 -20.44
C ILE B 51 8.95 1.76 -20.57
N ARG B 52 9.00 2.79 -19.70
CA ARG B 52 8.03 3.88 -19.65
C ARG B 52 8.80 5.16 -19.98
N HIS B 53 8.09 6.18 -20.44
CA HIS B 53 8.75 7.47 -20.72
C HIS B 53 8.23 8.47 -19.70
N ALA B 54 6.91 8.67 -19.63
CA ALA B 54 6.30 9.54 -18.62
C ALA B 54 6.63 8.74 -17.38
N TYR B 55 7.32 9.37 -16.45
CA TYR B 55 7.85 8.64 -15.30
C TYR B 55 7.34 8.97 -13.89
N GLY B 56 6.57 8.06 -13.29
CA GLY B 56 6.00 8.25 -11.97
C GLY B 56 6.98 8.43 -10.83
N GLU B 57 8.19 7.91 -10.97
CA GLU B 57 9.20 8.07 -9.91
C GLU B 57 9.76 9.48 -9.95
N GLY B 58 9.51 10.19 -11.04
CA GLY B 58 10.00 11.56 -11.14
C GLY B 58 10.17 11.99 -12.58
N ARG B 59 9.57 13.13 -12.91
CA ARG B 59 9.66 13.68 -14.25
C ARG B 59 11.10 13.91 -14.71
N GLU B 60 12.03 14.05 -13.76
CA GLU B 60 13.45 14.31 -14.10
C GLU B 60 14.13 13.15 -14.86
N TYR B 61 13.50 11.98 -14.85
CA TYR B 61 14.04 10.79 -15.54
C TYR B 61 13.65 10.76 -17.02
N VAL B 62 12.72 11.62 -17.42
CA VAL B 62 12.23 11.56 -18.79
C VAL B 62 13.29 11.66 -19.89
N PRO B 63 14.20 12.64 -19.81
CA PRO B 63 15.20 12.74 -20.88
C PRO B 63 16.02 11.44 -21.05
N LEU B 64 16.43 10.84 -19.94
CA LEU B 64 17.20 9.62 -20.04
C LEU B 64 16.34 8.45 -20.56
N ALA B 65 15.06 8.43 -20.21
CA ALA B 65 14.17 7.39 -20.71
C ALA B 65 14.03 7.54 -22.24
N LEU B 66 13.87 8.76 -22.71
CA LEU B 66 13.71 9.00 -24.14
C LEU B 66 14.99 8.64 -24.91
N ARG B 67 16.15 8.99 -24.35
CA ARG B 67 17.41 8.65 -25.01
C ARG B 67 17.59 7.12 -25.02
N SER B 68 17.23 6.48 -23.91
CA SER B 68 17.35 5.02 -23.82
C SER B 68 16.46 4.38 -24.88
N GLN B 69 15.25 4.91 -25.06
CA GLN B 69 14.36 4.35 -26.08
C GLN B 69 14.99 4.45 -27.46
N GLU B 70 15.61 5.60 -27.78
CA GLU B 70 16.28 5.76 -29.08
C GLU B 70 17.37 4.71 -29.21
N LEU B 71 18.15 4.47 -28.16
CA LEU B 71 19.21 3.48 -28.19
C LEU B 71 18.67 2.05 -28.32
N TRP B 72 17.49 1.75 -27.77
CA TRP B 72 16.93 0.41 -27.91
C TRP B 72 16.51 0.21 -29.37
N TYR B 73 15.96 1.25 -30.00
CA TYR B 73 15.60 1.09 -31.42
C TYR B 73 16.87 0.87 -32.26
N GLU B 74 17.97 1.53 -31.89
CA GLU B 74 19.23 1.34 -32.60
C GLU B 74 19.69 -0.11 -32.42
N LEU B 75 19.61 -0.64 -31.19
CA LEU B 75 20.02 -2.02 -30.97
C LEU B 75 19.16 -3.00 -31.78
N GLU B 76 17.84 -2.78 -31.82
CA GLU B 76 16.96 -3.65 -32.60
C GLU B 76 17.46 -3.79 -34.03
N LYS B 77 17.92 -2.69 -34.62
CA LYS B 77 18.39 -2.71 -36.00
C LYS B 77 19.72 -3.41 -36.18
N GLU B 78 20.50 -3.54 -35.13
CA GLU B 78 21.84 -4.10 -35.19
C GLU B 78 21.96 -5.58 -34.98
N THR B 79 20.99 -6.19 -34.34
CA THR B 79 21.08 -7.59 -33.99
C THR B 79 19.90 -8.40 -34.51
N HIS B 80 20.04 -9.72 -34.51
CA HIS B 80 18.95 -10.62 -34.92
C HIS B 80 18.09 -10.97 -33.68
N HIS B 81 18.56 -10.64 -32.48
CA HIS B 81 17.75 -10.91 -31.28
C HIS B 81 16.63 -9.87 -31.16
N LYS B 82 15.48 -10.28 -30.67
CA LYS B 82 14.36 -9.36 -30.46
C LYS B 82 14.63 -8.48 -29.24
N ILE B 83 14.48 -7.18 -29.42
CA ILE B 83 14.76 -6.22 -28.37
C ILE B 83 13.53 -5.55 -27.74
N PHE B 84 12.59 -5.08 -28.55
CA PHE B 84 11.48 -4.27 -28.04
C PHE B 84 10.17 -4.51 -28.75
N THR B 85 9.08 -4.57 -27.98
CA THR B 85 7.73 -4.68 -28.52
C THR B 85 6.95 -3.51 -27.91
N LYS B 86 6.31 -2.73 -28.77
CA LYS B 86 5.58 -1.54 -28.35
C LYS B 86 4.17 -1.86 -27.88
N THR B 87 4.08 -2.43 -26.68
CA THR B 87 2.80 -2.84 -26.11
C THR B 87 1.98 -1.70 -25.57
N GLY B 88 2.62 -0.55 -25.34
CA GLY B 88 1.97 0.55 -24.63
C GLY B 88 2.08 0.20 -23.14
N VAL B 89 2.00 1.20 -22.27
CA VAL B 89 2.04 0.94 -20.82
C VAL B 89 0.93 1.74 -20.15
N LEU B 90 0.11 1.02 -19.40
CA LEU B 90 -1.02 1.58 -18.66
C LEU B 90 -0.64 1.78 -17.19
N VAL B 91 -0.91 2.98 -16.67
CA VAL B 91 -0.67 3.29 -15.26
C VAL B 91 -2.04 3.69 -14.68
N PHE B 92 -2.47 3.05 -13.60
CA PHE B 92 -3.75 3.42 -12.99
C PHE B 92 -3.68 3.34 -11.48
N GLY B 93 -4.68 3.94 -10.84
CA GLY B 93 -4.75 3.93 -9.39
C GLY B 93 -5.99 4.66 -8.94
N PRO B 94 -6.30 4.67 -7.63
CA PRO B 94 -7.49 5.37 -7.15
C PRO B 94 -7.31 6.85 -7.36
N LYS B 95 -8.34 7.50 -7.91
CA LYS B 95 -8.25 8.93 -8.16
C LYS B 95 -7.87 9.72 -6.91
N GLY B 96 -6.85 10.57 -7.04
CA GLY B 96 -6.41 11.39 -5.91
C GLY B 96 -5.67 10.67 -4.80
N GLU B 97 -5.42 9.39 -4.96
CA GLU B 97 -4.73 8.63 -3.92
C GLU B 97 -3.42 8.01 -4.33
N SER B 98 -2.92 8.37 -5.51
N SER B 98 -2.91 8.39 -5.51
CA SER B 98 -1.64 7.81 -5.98
CA SER B 98 -1.66 7.83 -5.99
C SER B 98 -0.66 8.87 -6.46
C SER B 98 -0.66 8.88 -6.45
N ALA B 99 0.42 9.06 -5.71
CA ALA B 99 1.45 10.01 -6.08
C ALA B 99 2.12 9.52 -7.38
N PHE B 100 2.19 8.19 -7.55
CA PHE B 100 2.80 7.59 -8.73
C PHE B 100 2.01 7.97 -9.99
N VAL B 101 0.69 7.79 -9.95
CA VAL B 101 -0.15 8.17 -11.09
C VAL B 101 -0.08 9.66 -11.33
N ALA B 102 -0.16 10.46 -10.26
CA ALA B 102 -0.12 11.90 -10.42
C ALA B 102 1.18 12.38 -11.04
N GLU B 103 2.31 11.84 -10.61
CA GLU B 103 3.60 12.29 -11.19
C GLU B 103 3.77 11.82 -12.62
N THR B 104 3.19 10.66 -12.95
CA THR B 104 3.26 10.15 -14.32
C THR B 104 2.49 11.17 -15.19
N MET B 105 1.31 11.57 -14.74
CA MET B 105 0.52 12.55 -15.50
C MET B 105 1.27 13.88 -15.62
N GLU B 106 1.91 14.32 -14.55
CA GLU B 106 2.65 15.58 -14.61
C GLU B 106 3.85 15.50 -15.53
N ALA B 107 4.53 14.36 -15.50
CA ALA B 107 5.70 14.18 -16.36
C ALA B 107 5.27 14.23 -17.83
N ALA B 108 4.15 13.61 -18.16
CA ALA B 108 3.66 13.60 -19.53
C ALA B 108 3.31 15.02 -19.97
N LYS B 109 2.72 15.81 -19.09
CA LYS B 109 2.37 17.19 -19.45
C LYS B 109 3.63 18.04 -19.64
N GLU B 110 4.55 17.94 -18.69
CA GLU B 110 5.78 18.71 -18.76
C GLU B 110 6.63 18.44 -20.00
N HIS B 111 6.68 17.19 -20.43
CA HIS B 111 7.50 16.83 -21.58
C HIS B 111 6.71 16.64 -22.87
N SER B 112 5.45 17.08 -22.85
CA SER B 112 4.55 17.00 -24.00
C SER B 112 4.54 15.62 -24.65
N LEU B 113 4.34 14.61 -23.82
CA LEU B 113 4.31 13.24 -24.30
C LEU B 113 2.90 12.86 -24.78
N THR B 114 2.84 11.97 -25.76
CA THR B 114 1.56 11.51 -26.31
C THR B 114 0.96 10.48 -25.37
N VAL B 115 -0.14 10.82 -24.72
CA VAL B 115 -0.78 9.92 -23.77
C VAL B 115 -2.30 10.01 -23.82
N ASP B 116 -2.97 8.98 -23.34
CA ASP B 116 -4.43 8.97 -23.23
C ASP B 116 -4.79 8.98 -21.76
N LEU B 117 -5.76 9.80 -21.39
CA LEU B 117 -6.22 9.87 -20.00
C LEU B 117 -7.61 9.27 -19.96
N LEU B 118 -7.86 8.38 -19.02
CA LEU B 118 -9.19 7.80 -18.92
C LEU B 118 -9.51 7.42 -17.49
N GLU B 119 -10.78 7.16 -17.22
CA GLU B 119 -11.14 6.80 -15.86
C GLU B 119 -12.32 5.89 -15.75
N GLY B 120 -12.35 5.19 -14.62
CA GLY B 120 -13.43 4.27 -14.30
C GLY B 120 -13.73 3.22 -15.36
N ASP B 121 -15.01 3.12 -15.70
CA ASP B 121 -15.45 2.15 -16.67
C ASP B 121 -14.79 2.27 -18.03
N GLU B 122 -14.22 3.44 -18.32
CA GLU B 122 -13.54 3.63 -19.61
C GLU B 122 -12.36 2.68 -19.70
N ILE B 123 -11.73 2.41 -18.57
CA ILE B 123 -10.57 1.52 -18.54
C ILE B 123 -11.03 0.10 -18.85
N ASN B 124 -12.08 -0.33 -18.14
CA ASN B 124 -12.62 -1.67 -18.29
C ASN B 124 -13.12 -1.87 -19.72
N LYS B 125 -13.69 -0.81 -20.31
CA LYS B 125 -14.20 -0.95 -21.68
C LYS B 125 -13.12 -1.00 -22.74
N ARG B 126 -12.07 -0.20 -22.57
CA ARG B 126 -11.02 -0.21 -23.56
C ARG B 126 -10.23 -1.50 -23.58
N TRP B 127 -9.97 -2.04 -22.38
CA TRP B 127 -9.20 -3.26 -22.27
C TRP B 127 -9.95 -4.34 -21.57
N PRO B 128 -10.73 -5.13 -22.33
CA PRO B 128 -11.48 -6.21 -21.72
C PRO B 128 -10.45 -7.05 -20.96
N GLY B 129 -10.79 -7.42 -19.74
CA GLY B 129 -9.86 -8.19 -18.94
C GLY B 129 -9.44 -7.41 -17.71
N ILE B 130 -9.59 -6.09 -17.74
CA ILE B 130 -9.25 -5.25 -16.58
C ILE B 130 -10.55 -4.89 -15.88
N THR B 131 -10.57 -5.05 -14.56
CA THR B 131 -11.76 -4.70 -13.76
C THR B 131 -11.34 -3.81 -12.61
N VAL B 132 -11.42 -2.49 -12.81
CA VAL B 132 -11.07 -1.57 -11.74
C VAL B 132 -12.31 -0.87 -11.21
N PRO B 133 -12.25 -0.38 -9.96
CA PRO B 133 -13.38 0.31 -9.36
C PRO B 133 -13.61 1.59 -10.17
N GLU B 134 -14.83 2.13 -10.10
CA GLU B 134 -15.16 3.32 -10.84
C GLU B 134 -14.39 4.56 -10.41
N ASN B 135 -13.83 4.53 -9.20
CA ASN B 135 -13.09 5.70 -8.73
C ASN B 135 -11.62 5.70 -9.15
N TYR B 136 -11.23 4.77 -10.02
CA TYR B 136 -9.83 4.75 -10.49
C TYR B 136 -9.67 5.60 -11.76
N ASN B 137 -8.48 6.18 -11.93
CA ASN B 137 -8.19 6.88 -13.16
C ASN B 137 -6.89 6.31 -13.72
N ALA B 138 -6.57 6.70 -14.94
CA ALA B 138 -5.40 6.14 -15.61
C ALA B 138 -4.79 7.04 -16.64
N ILE B 139 -3.54 6.73 -16.96
CA ILE B 139 -2.82 7.41 -18.04
C ILE B 139 -2.17 6.27 -18.83
N PHE B 140 -2.35 6.29 -20.15
CA PHE B 140 -1.82 5.26 -21.03
C PHE B 140 -0.82 5.87 -21.96
N GLU B 141 0.34 5.24 -22.07
CA GLU B 141 1.43 5.70 -22.94
C GLU B 141 1.52 4.74 -24.12
N PRO B 142 0.98 5.13 -25.29
CA PRO B 142 1.04 4.21 -26.42
C PRO B 142 2.41 3.84 -26.96
N ASN B 143 3.41 4.70 -26.79
CA ASN B 143 4.72 4.42 -27.38
C ASN B 143 5.68 3.73 -26.43
N SER B 144 5.23 3.45 -25.21
CA SER B 144 6.07 2.75 -24.24
C SER B 144 5.91 1.25 -24.51
N GLY B 145 6.65 0.41 -23.80
CA GLY B 145 6.51 -1.00 -24.09
C GLY B 145 7.36 -1.92 -23.27
N VAL B 146 7.79 -3.01 -23.93
CA VAL B 146 8.49 -4.10 -23.26
C VAL B 146 9.80 -4.42 -23.96
N LEU B 147 10.84 -4.58 -23.14
CA LEU B 147 12.18 -4.96 -23.57
C LEU B 147 12.42 -6.41 -23.19
N PHE B 148 13.08 -7.15 -24.06
CA PHE B 148 13.45 -8.54 -23.76
C PHE B 148 14.88 -8.41 -23.22
N SER B 149 14.95 -8.35 -21.89
CA SER B 149 16.21 -8.02 -21.21
C SER B 149 17.38 -8.95 -21.38
N GLU B 150 17.12 -10.25 -21.36
CA GLU B 150 18.21 -11.20 -21.57
C GLU B 150 18.72 -11.06 -23.00
N ASN B 151 17.80 -10.82 -23.94
CA ASN B 151 18.19 -10.61 -25.34
C ASN B 151 19.04 -9.34 -25.48
N CYS B 152 18.69 -8.29 -24.74
CA CYS B 152 19.46 -7.05 -24.79
C CYS B 152 20.90 -7.27 -24.37
N ILE B 153 21.08 -7.95 -23.24
CA ILE B 153 22.42 -8.20 -22.76
C ILE B 153 23.21 -9.12 -23.70
N ARG B 154 22.54 -10.15 -24.20
N ARG B 154 22.58 -10.17 -24.22
CA ARG B 154 23.12 -11.10 -25.14
CA ARG B 154 23.27 -11.07 -25.13
C ARG B 154 23.60 -10.37 -26.39
C ARG B 154 23.66 -10.32 -26.41
N ALA B 155 22.77 -9.47 -26.91
CA ALA B 155 23.10 -8.70 -28.12
C ALA B 155 24.27 -7.76 -27.85
N TYR B 156 24.21 -7.02 -26.74
CA TYR B 156 25.32 -6.12 -26.45
C TYR B 156 26.62 -6.90 -26.29
N ARG B 157 26.55 -8.07 -25.66
CA ARG B 157 27.74 -8.89 -25.49
C ARG B 157 28.30 -9.36 -26.83
N GLU B 158 27.44 -9.90 -27.70
CA GLU B 158 27.89 -10.40 -29.00
C GLU B 158 28.49 -9.26 -29.84
N LEU B 159 27.87 -8.09 -29.80
CA LEU B 159 28.37 -6.96 -30.58
C LEU B 159 29.68 -6.43 -30.01
N ALA B 160 29.79 -6.36 -28.69
CA ALA B 160 31.03 -5.90 -28.07
C ALA B 160 32.17 -6.87 -28.37
N GLU B 161 31.91 -8.17 -28.22
CA GLU B 161 32.98 -9.15 -28.48
C GLU B 161 33.40 -9.12 -29.94
N ALA B 162 32.47 -8.93 -30.86
CA ALA B 162 32.81 -8.89 -32.27
C ALA B 162 33.76 -7.72 -32.52
N ARG B 163 33.67 -6.67 -31.72
CA ARG B 163 34.52 -5.50 -31.87
C ARG B 163 35.79 -5.54 -31.03
N GLY B 164 36.06 -6.68 -30.42
CA GLY B 164 37.29 -6.82 -29.66
C GLY B 164 37.22 -6.88 -28.16
N ALA B 165 36.04 -6.62 -27.58
CA ALA B 165 35.94 -6.68 -26.13
C ALA B 165 36.21 -8.08 -25.64
N LYS B 166 36.86 -8.19 -24.50
CA LYS B 166 37.13 -9.50 -23.91
C LYS B 166 36.20 -9.67 -22.73
N VAL B 167 35.56 -10.83 -22.62
CA VAL B 167 34.66 -11.10 -21.51
C VAL B 167 35.21 -12.26 -20.69
N LEU B 168 35.39 -12.02 -19.40
CA LEU B 168 35.90 -13.02 -18.48
C LEU B 168 34.75 -13.44 -17.57
N THR B 169 34.28 -14.67 -17.72
CA THR B 169 33.16 -15.17 -16.95
C THR B 169 33.56 -15.97 -15.72
N HIS B 170 32.58 -16.25 -14.87
CA HIS B 170 32.78 -17.01 -13.64
C HIS B 170 33.99 -16.49 -12.88
N THR B 171 34.10 -15.17 -12.80
CA THR B 171 35.21 -14.50 -12.13
C THR B 171 34.69 -13.40 -11.20
N ARG B 172 34.76 -13.64 -9.91
CA ARG B 172 34.29 -12.72 -8.89
C ARG B 172 35.43 -11.83 -8.42
N VAL B 173 35.39 -10.57 -8.80
CA VAL B 173 36.45 -9.65 -8.38
C VAL B 173 36.24 -9.38 -6.89
N GLU B 174 37.32 -9.54 -6.12
CA GLU B 174 37.28 -9.40 -4.66
C GLU B 174 37.91 -8.13 -4.12
N ASP B 175 38.79 -7.50 -4.90
CA ASP B 175 39.43 -6.28 -4.44
C ASP B 175 39.89 -5.41 -5.60
N PHE B 176 40.20 -4.16 -5.28
CA PHE B 176 40.59 -3.17 -6.27
C PHE B 176 41.82 -2.40 -5.77
N ASP B 177 42.69 -2.01 -6.69
CA ASP B 177 43.88 -1.23 -6.34
C ASP B 177 43.85 -0.03 -7.29
N ILE B 178 43.49 1.13 -6.75
CA ILE B 178 43.37 2.35 -7.55
C ILE B 178 44.51 3.31 -7.28
N SER B 179 45.09 3.84 -8.36
N SER B 179 45.08 3.82 -8.38
CA SER B 179 46.17 4.82 -8.22
CA SER B 179 46.19 4.78 -8.35
C SER B 179 45.74 6.03 -9.04
C SER B 179 45.79 6.01 -9.16
N PRO B 180 46.50 7.13 -8.97
CA PRO B 180 46.11 8.30 -9.75
C PRO B 180 46.17 8.13 -11.27
N ASP B 181 46.91 7.16 -11.75
CA ASP B 181 47.04 6.97 -13.19
C ASP B 181 46.73 5.56 -13.69
N SER B 182 46.14 4.73 -12.83
CA SER B 182 45.82 3.37 -13.24
C SER B 182 44.90 2.69 -12.24
N VAL B 183 44.23 1.64 -12.70
CA VAL B 183 43.35 0.86 -11.85
C VAL B 183 43.82 -0.57 -12.05
N LYS B 184 43.64 -1.41 -11.04
CA LYS B 184 44.06 -2.78 -11.12
C LYS B 184 43.10 -3.70 -10.37
N ILE B 185 42.82 -4.87 -10.96
CA ILE B 185 41.99 -5.86 -10.29
C ILE B 185 42.77 -7.18 -10.26
N GLU B 186 42.45 -7.99 -9.26
CA GLU B 186 43.07 -9.29 -9.03
C GLU B 186 42.08 -10.44 -9.22
N THR B 187 42.51 -11.52 -9.88
CA THR B 187 41.67 -12.69 -10.06
C THR B 187 42.50 -13.96 -10.13
N ALA B 188 41.83 -15.11 -10.06
CA ALA B 188 42.49 -16.41 -10.07
C ALA B 188 43.52 -16.59 -11.16
N ASN B 189 43.11 -16.40 -12.42
CA ASN B 189 44.00 -16.59 -13.55
C ASN B 189 44.84 -15.39 -13.98
N GLY B 190 44.99 -14.39 -13.11
CA GLY B 190 45.80 -13.24 -13.47
C GLY B 190 45.27 -11.87 -13.11
N SER B 191 46.15 -10.88 -13.14
N SER B 191 46.15 -10.88 -13.15
CA SER B 191 45.74 -9.52 -12.82
CA SER B 191 45.77 -9.51 -12.82
C SER B 191 45.57 -8.69 -14.08
C SER B 191 45.57 -8.70 -14.09
N TYR B 192 44.74 -7.66 -13.98
CA TYR B 192 44.47 -6.79 -15.10
C TYR B 192 44.56 -5.36 -14.66
N THR B 193 45.09 -4.55 -15.55
CA THR B 193 45.25 -3.12 -15.32
C THR B 193 44.58 -2.35 -16.44
N ALA B 194 44.22 -1.11 -16.16
CA ALA B 194 43.60 -0.26 -17.15
C ALA B 194 43.73 1.19 -16.71
N ASP B 195 43.33 2.08 -17.61
CA ASP B 195 43.35 3.51 -17.33
C ASP B 195 42.09 3.87 -16.53
N LYS B 196 40.99 3.17 -16.77
CA LYS B 196 39.71 3.46 -16.13
C LYS B 196 38.99 2.20 -15.71
N LEU B 197 38.18 2.34 -14.65
CA LEU B 197 37.38 1.26 -14.08
C LEU B 197 35.92 1.66 -14.00
N ILE B 198 35.02 0.77 -14.46
CA ILE B 198 33.58 0.98 -14.30
C ILE B 198 33.14 -0.15 -13.36
N VAL B 199 32.44 0.20 -12.29
CA VAL B 199 31.98 -0.77 -11.30
C VAL B 199 30.47 -0.81 -11.38
N SER B 200 29.93 -1.97 -11.75
CA SER B 200 28.48 -2.15 -11.94
C SER B 200 28.11 -3.60 -11.53
N MET B 201 28.23 -3.87 -10.23
CA MET B 201 28.03 -5.22 -9.70
C MET B 201 26.62 -5.57 -9.23
N GLY B 202 25.64 -4.74 -9.56
CA GLY B 202 24.27 -5.06 -9.18
C GLY B 202 24.07 -5.24 -7.68
N ALA B 203 23.39 -6.33 -7.29
CA ALA B 203 23.14 -6.54 -5.87
C ALA B 203 24.42 -6.64 -5.05
N TRP B 204 25.51 -7.06 -5.69
CA TRP B 204 26.78 -7.20 -4.99
C TRP B 204 27.47 -5.86 -4.70
N ASN B 205 26.97 -4.77 -5.27
CA ASN B 205 27.52 -3.46 -4.92
C ASN B 205 27.28 -3.24 -3.40
N SER B 206 26.25 -3.87 -2.85
CA SER B 206 25.92 -3.71 -1.43
C SER B 206 26.92 -4.39 -0.49
N LYS B 207 27.77 -5.26 -1.02
CA LYS B 207 28.75 -5.98 -0.21
C LYS B 207 30.20 -5.61 -0.57
N LEU B 208 30.42 -5.14 -1.78
CA LEU B 208 31.78 -4.88 -2.23
C LEU B 208 32.23 -3.46 -2.51
N LEU B 209 31.33 -2.47 -2.42
CA LEU B 209 31.78 -1.10 -2.62
C LEU B 209 32.69 -0.68 -1.46
N SER B 210 32.61 -1.39 -0.34
CA SER B 210 33.48 -1.07 0.79
C SER B 210 34.94 -1.28 0.39
N LYS B 211 35.18 -2.10 -0.62
CA LYS B 211 36.55 -2.35 -1.10
C LYS B 211 37.08 -1.12 -1.85
N LEU B 212 36.17 -0.16 -2.10
CA LEU B 212 36.54 1.08 -2.77
C LEU B 212 36.41 2.26 -1.79
N ASN B 213 36.45 1.96 -0.49
CA ASN B 213 36.38 2.97 0.57
C ASN B 213 35.04 3.70 0.60
N LEU B 214 33.99 3.06 0.10
CA LEU B 214 32.68 3.70 0.11
C LEU B 214 31.74 3.02 1.09
N ASP B 215 30.94 3.84 1.77
CA ASP B 215 29.93 3.37 2.71
C ASP B 215 28.62 4.00 2.23
N ILE B 216 27.81 3.23 1.51
CA ILE B 216 26.55 3.73 0.99
C ILE B 216 25.44 2.75 1.33
N PRO B 217 24.39 3.19 2.02
CA PRO B 217 23.31 2.27 2.36
C PRO B 217 22.68 1.72 1.07
N LEU B 218 22.71 0.41 0.92
CA LEU B 218 22.15 -0.29 -0.24
C LEU B 218 21.56 -1.57 0.27
N GLN B 219 20.29 -1.80 -0.04
CA GLN B 219 19.64 -3.01 0.41
C GLN B 219 19.07 -3.86 -0.71
N PRO B 220 19.58 -5.09 -0.87
CA PRO B 220 19.06 -6.01 -1.89
C PRO B 220 17.76 -6.59 -1.36
N TYR B 221 16.81 -6.78 -2.30
CA TYR B 221 15.50 -7.35 -2.02
C TYR B 221 15.20 -8.48 -3.00
N ARG B 222 14.61 -9.56 -2.47
CA ARG B 222 14.18 -10.70 -3.27
C ARG B 222 12.79 -10.35 -3.85
N GLN B 223 12.72 -10.35 -5.18
CA GLN B 223 11.51 -9.98 -5.92
C GLN B 223 11.13 -11.06 -6.91
N VAL B 224 9.93 -11.61 -6.73
CA VAL B 224 9.50 -12.68 -7.61
C VAL B 224 8.48 -12.23 -8.64
N VAL B 225 8.36 -13.02 -9.70
CA VAL B 225 7.35 -12.78 -10.73
C VAL B 225 6.76 -14.14 -11.10
N GLY B 226 5.51 -14.13 -11.53
CA GLY B 226 4.85 -15.37 -11.95
C GLY B 226 4.15 -15.15 -13.28
N PHE B 227 4.09 -16.23 -14.09
CA PHE B 227 3.42 -16.25 -15.39
C PHE B 227 2.22 -17.15 -15.17
N PHE B 228 1.04 -16.67 -15.56
CA PHE B 228 -0.22 -17.37 -15.34
C PHE B 228 -1.00 -17.64 -16.59
N GLU B 229 -1.58 -18.84 -16.68
CA GLU B 229 -2.41 -19.19 -17.84
C GLU B 229 -3.56 -18.18 -17.84
N SER B 230 -3.80 -17.59 -19.00
CA SER B 230 -4.79 -16.52 -19.11
C SER B 230 -5.69 -16.66 -20.32
N ASP B 231 -6.78 -15.89 -20.31
CA ASP B 231 -7.71 -15.85 -21.44
C ASP B 231 -6.98 -15.07 -22.53
N GLU B 232 -6.47 -15.80 -23.52
CA GLU B 232 -5.72 -15.14 -24.59
C GLU B 232 -6.51 -14.13 -25.41
N SER B 233 -7.83 -14.26 -25.45
CA SER B 233 -8.67 -13.34 -26.19
C SER B 233 -8.72 -11.97 -25.52
N LYS B 234 -8.22 -11.91 -24.29
CA LYS B 234 -8.18 -10.66 -23.58
C LYS B 234 -6.77 -10.21 -23.21
N TYR B 235 -5.90 -11.13 -22.82
CA TYR B 235 -4.59 -10.74 -22.28
C TYR B 235 -3.38 -10.87 -23.17
N SER B 236 -3.58 -11.27 -24.42
CA SER B 236 -2.45 -11.39 -25.33
C SER B 236 -1.99 -10.04 -25.85
N ASN B 237 -0.68 -9.96 -26.08
CA ASN B 237 -0.11 -8.78 -26.73
C ASN B 237 -0.79 -8.63 -28.12
N ASP B 238 -1.19 -9.74 -28.72
CA ASP B 238 -1.80 -9.68 -30.07
C ASP B 238 -3.13 -8.93 -30.11
N ILE B 239 -3.84 -8.87 -28.98
CA ILE B 239 -5.08 -8.12 -28.91
C ILE B 239 -4.87 -6.80 -28.15
N ASP B 240 -3.61 -6.35 -28.11
CA ASP B 240 -3.24 -5.08 -27.51
C ASP B 240 -3.43 -4.92 -26.01
N PHE B 241 -3.35 -6.02 -25.27
CA PHE B 241 -3.37 -5.88 -23.81
C PHE B 241 -2.01 -5.22 -23.52
N PRO B 242 -1.99 -4.19 -22.68
CA PRO B 242 -0.78 -3.45 -22.39
C PRO B 242 0.08 -3.94 -21.26
N GLY B 243 1.33 -3.46 -21.25
CA GLY B 243 2.14 -3.66 -20.06
C GLY B 243 1.53 -2.68 -19.06
N PHE B 244 1.80 -2.88 -17.78
CA PHE B 244 1.19 -1.98 -16.81
C PHE B 244 1.98 -1.88 -15.53
N MET B 245 1.82 -0.75 -14.86
CA MET B 245 2.42 -0.53 -13.53
C MET B 245 1.35 0.31 -12.84
N VAL B 246 0.81 -0.23 -11.74
CA VAL B 246 -0.33 0.40 -11.09
C VAL B 246 -0.20 0.47 -9.59
N GLU B 247 -0.92 1.42 -9.00
CA GLU B 247 -0.93 1.57 -7.55
C GLU B 247 -2.31 1.31 -6.97
N VAL B 248 -2.37 0.41 -6.02
CA VAL B 248 -3.60 0.07 -5.33
C VAL B 248 -3.33 0.32 -3.83
N PRO B 249 -4.35 0.27 -2.96
CA PRO B 249 -4.10 0.51 -1.53
C PRO B 249 -2.95 -0.24 -0.89
N ASN B 250 -2.75 -1.51 -1.24
CA ASN B 250 -1.65 -2.25 -0.63
C ASN B 250 -0.33 -2.30 -1.42
N GLY B 251 -0.17 -1.39 -2.38
CA GLY B 251 1.10 -1.30 -3.08
C GLY B 251 1.06 -1.15 -4.58
N ILE B 252 2.24 -1.27 -5.19
CA ILE B 252 2.39 -1.16 -6.63
C ILE B 252 2.65 -2.54 -7.20
N TYR B 253 1.93 -2.83 -8.29
CA TYR B 253 2.06 -4.09 -9.02
C TYR B 253 2.37 -3.74 -10.47
N TYR B 254 2.95 -4.70 -11.18
CA TYR B 254 3.27 -4.49 -12.57
C TYR B 254 3.08 -5.76 -13.33
N GLY B 255 2.90 -5.64 -14.64
CA GLY B 255 2.71 -6.84 -15.41
C GLY B 255 2.86 -6.64 -16.90
N PHE B 256 2.75 -7.78 -17.57
CA PHE B 256 2.98 -7.86 -19.01
C PHE B 256 1.94 -8.70 -19.69
N PRO B 257 1.59 -8.35 -20.93
CA PRO B 257 0.62 -9.16 -21.66
C PRO B 257 1.28 -10.51 -22.00
N SER B 258 0.46 -11.50 -22.33
CA SER B 258 0.97 -12.80 -22.74
C SER B 258 1.54 -12.68 -24.16
N PHE B 259 2.76 -13.17 -24.31
CA PHE B 259 3.46 -13.17 -25.60
C PHE B 259 3.55 -14.61 -26.08
N GLY B 260 2.96 -14.88 -27.23
CA GLY B 260 3.01 -16.23 -27.76
C GLY B 260 2.50 -17.29 -26.82
N GLY B 261 1.49 -16.92 -26.02
CA GLY B 261 0.90 -17.87 -25.08
C GLY B 261 1.70 -18.18 -23.82
N CYS B 262 2.68 -17.34 -23.46
CA CYS B 262 3.48 -17.59 -22.26
C CYS B 262 2.71 -17.29 -20.98
N GLY B 263 1.60 -16.57 -21.12
CA GLY B 263 0.78 -16.21 -19.97
C GLY B 263 1.10 -14.81 -19.49
N LEU B 264 0.11 -14.15 -18.88
CA LEU B 264 0.32 -12.83 -18.30
C LEU B 264 1.35 -12.98 -17.18
N LYS B 265 2.26 -12.05 -17.10
CA LYS B 265 3.31 -12.04 -16.07
C LYS B 265 3.01 -10.93 -15.09
N LEU B 266 3.12 -11.23 -13.80
CA LEU B 266 2.86 -10.22 -12.78
C LEU B 266 3.91 -10.23 -11.69
N GLY B 267 4.17 -9.03 -11.15
CA GLY B 267 5.08 -8.88 -10.01
C GLY B 267 4.50 -7.85 -9.04
N TYR B 268 4.87 -7.98 -7.76
CA TYR B 268 4.49 -7.06 -6.69
C TYR B 268 5.77 -6.26 -6.44
N HIS B 269 5.70 -4.96 -6.70
CA HIS B 269 6.87 -4.08 -6.67
C HIS B 269 7.30 -3.52 -5.34
N THR B 270 6.34 -3.21 -4.47
CA THR B 270 6.68 -2.54 -3.22
C THR B 270 6.99 -3.42 -2.04
N PHE B 271 6.89 -4.74 -2.23
CA PHE B 271 7.23 -5.68 -1.19
C PHE B 271 8.22 -6.71 -1.73
N GLY B 272 9.19 -7.10 -0.89
CA GLY B 272 10.15 -8.13 -1.20
C GLY B 272 10.86 -8.48 0.09
N GLN B 273 11.53 -9.61 0.14
CA GLN B 273 12.30 -9.97 1.35
C GLN B 273 13.71 -9.35 1.32
N LYS B 274 14.16 -8.79 2.45
CA LYS B 274 15.51 -8.26 2.51
C LYS B 274 16.43 -9.48 2.49
N ILE B 275 17.42 -9.47 1.60
CA ILE B 275 18.33 -10.60 1.44
C ILE B 275 19.78 -10.19 1.17
N ASP B 276 20.64 -11.20 1.12
CA ASP B 276 22.04 -11.06 0.78
C ASP B 276 22.10 -11.84 -0.55
N PRO B 277 22.68 -11.25 -1.61
CA PRO B 277 22.75 -11.94 -2.90
C PRO B 277 23.48 -13.27 -2.93
N ASP B 278 24.29 -13.54 -1.90
CA ASP B 278 25.00 -14.81 -1.85
C ASP B 278 24.22 -15.88 -1.06
N THR B 279 23.10 -15.49 -0.42
CA THR B 279 22.31 -16.47 0.34
C THR B 279 20.81 -16.47 0.04
N ILE B 280 20.39 -15.68 -0.93
CA ILE B 280 19.00 -15.60 -1.35
C ILE B 280 18.51 -16.97 -1.87
N ASN B 281 17.25 -17.27 -1.61
CA ASN B 281 16.69 -18.50 -2.16
C ASN B 281 16.03 -18.12 -3.51
N ARG B 282 16.56 -18.68 -4.59
CA ARG B 282 16.07 -18.38 -5.93
C ARG B 282 14.99 -19.31 -6.47
N GLU B 283 14.34 -20.06 -5.58
CA GLU B 283 13.26 -20.92 -6.00
C GLU B 283 11.93 -20.22 -5.74
N PHE B 284 11.12 -20.10 -6.79
CA PHE B 284 9.82 -19.49 -6.64
C PHE B 284 8.88 -20.41 -5.90
N GLY B 285 8.14 -19.85 -4.96
CA GLY B 285 7.15 -20.62 -4.23
C GLY B 285 7.54 -21.12 -2.85
N VAL B 286 8.80 -20.95 -2.45
CA VAL B 286 9.20 -21.43 -1.13
C VAL B 286 8.61 -20.56 -0.02
N TYR B 287 8.21 -19.34 -0.36
CA TYR B 287 7.54 -18.44 0.58
C TYR B 287 6.09 -18.46 0.10
N PRO B 288 5.14 -18.64 1.01
CA PRO B 288 3.73 -18.65 0.60
C PRO B 288 3.32 -17.38 -0.14
N GLU B 289 3.89 -16.24 0.26
CA GLU B 289 3.57 -14.94 -0.35
C GLU B 289 3.92 -14.85 -1.83
N ASP B 290 4.90 -15.64 -2.28
CA ASP B 290 5.32 -15.58 -3.68
C ASP B 290 4.13 -15.65 -4.65
N GLU B 291 3.34 -16.70 -4.50
CA GLU B 291 2.20 -16.88 -5.37
C GLU B 291 0.95 -16.18 -4.86
N SER B 292 0.74 -16.19 -3.54
CA SER B 292 -0.50 -15.60 -3.04
C SER B 292 -0.61 -14.09 -3.24
N ASN B 293 0.49 -13.35 -3.14
CA ASN B 293 0.41 -11.90 -3.34
C ASN B 293 0.02 -11.56 -4.80
N LEU B 294 0.41 -12.41 -5.74
CA LEU B 294 0.08 -12.19 -7.15
C LEU B 294 -1.39 -12.52 -7.40
N ARG B 295 -1.86 -13.66 -6.89
CA ARG B 295 -3.25 -14.02 -7.13
C ARG B 295 -4.20 -13.05 -6.45
N ALA B 296 -3.80 -12.48 -5.30
CA ALA B 296 -4.66 -11.51 -4.64
C ALA B 296 -4.96 -10.33 -5.58
N PHE B 297 -3.96 -9.91 -6.35
CA PHE B 297 -4.16 -8.82 -7.31
C PHE B 297 -4.98 -9.30 -8.52
N LEU B 298 -4.61 -10.45 -9.10
CA LEU B 298 -5.30 -10.93 -10.29
C LEU B 298 -6.79 -11.19 -10.09
N GLU B 299 -7.15 -11.82 -8.96
CA GLU B 299 -8.56 -12.11 -8.75
C GLU B 299 -9.41 -10.84 -8.65
N GLU B 300 -8.81 -9.73 -8.21
CA GLU B 300 -9.52 -8.48 -8.08
C GLU B 300 -9.53 -7.60 -9.33
N TYR B 301 -8.39 -7.52 -10.01
CA TYR B 301 -8.24 -6.61 -11.15
C TYR B 301 -8.12 -7.19 -12.55
N MET B 302 -7.70 -8.44 -12.65
CA MET B 302 -7.52 -9.08 -13.98
C MET B 302 -7.90 -10.54 -13.77
N PRO B 303 -9.19 -10.77 -13.47
CA PRO B 303 -9.72 -12.09 -13.19
C PRO B 303 -9.58 -13.21 -14.18
N GLY B 304 -9.43 -12.87 -15.45
CA GLY B 304 -9.27 -13.88 -16.47
C GLY B 304 -7.82 -14.29 -16.70
N ALA B 305 -6.90 -13.69 -15.92
CA ALA B 305 -5.46 -13.99 -16.00
C ALA B 305 -4.99 -14.66 -14.71
N ASN B 306 -5.88 -15.42 -14.07
CA ASN B 306 -5.59 -16.05 -12.79
C ASN B 306 -5.67 -17.59 -12.86
N GLY B 307 -5.16 -18.15 -13.95
CA GLY B 307 -5.15 -19.59 -14.14
C GLY B 307 -3.92 -20.27 -13.54
N GLU B 308 -3.62 -21.44 -14.06
CA GLU B 308 -2.51 -22.22 -13.57
C GLU B 308 -1.17 -21.47 -13.67
N LEU B 309 -0.34 -21.64 -12.64
CA LEU B 309 0.97 -21.03 -12.65
C LEU B 309 1.80 -21.78 -13.68
N LYS B 310 2.34 -21.06 -14.65
CA LYS B 310 3.15 -21.68 -15.70
C LYS B 310 4.65 -21.59 -15.45
N ARG B 311 5.09 -20.53 -14.78
CA ARG B 311 6.50 -20.31 -14.57
C ARG B 311 6.66 -19.26 -13.49
N GLY B 312 7.76 -19.37 -12.74
CA GLY B 312 8.07 -18.40 -11.72
C GLY B 312 9.53 -18.04 -11.84
N ALA B 313 9.91 -16.85 -11.39
CA ALA B 313 11.32 -16.44 -11.39
C ALA B 313 11.57 -15.60 -10.14
N VAL B 314 12.83 -15.60 -9.70
CA VAL B 314 13.25 -14.89 -8.50
C VAL B 314 14.40 -14.02 -8.88
N CYS B 315 14.27 -12.73 -8.61
CA CYS B 315 15.29 -11.80 -9.02
C CYS B 315 15.54 -10.79 -7.88
N MET B 316 16.39 -9.79 -8.09
CA MET B 316 16.72 -8.86 -7.01
C MET B 316 16.69 -7.40 -7.37
N TYR B 317 16.21 -6.57 -6.46
CA TYR B 317 16.31 -5.12 -6.62
C TYR B 317 17.43 -4.71 -5.64
N THR B 318 18.10 -3.59 -5.89
CA THR B 318 19.11 -3.08 -4.95
C THR B 318 18.71 -1.65 -4.70
N LYS B 319 18.13 -1.37 -3.54
CA LYS B 319 17.61 -0.04 -3.26
C LYS B 319 18.51 0.92 -2.50
N THR B 320 18.46 2.18 -2.91
CA THR B 320 19.12 3.28 -2.20
C THR B 320 18.02 3.84 -1.27
N LEU B 321 18.40 4.70 -0.32
CA LEU B 321 17.40 5.27 0.59
C LEU B 321 16.35 6.12 -0.10
N ASP B 322 16.70 6.80 -1.20
CA ASP B 322 15.73 7.63 -1.89
C ASP B 322 15.18 6.97 -3.16
N GLU B 323 15.63 5.74 -3.42
CA GLU B 323 15.23 4.98 -4.60
C GLU B 323 15.63 5.59 -5.92
N HIS B 324 16.59 6.50 -5.90
CA HIS B 324 17.16 7.05 -7.11
C HIS B 324 18.51 6.35 -7.33
N PHE B 325 18.94 6.32 -8.59
CA PHE B 325 20.17 5.59 -8.92
C PHE B 325 21.44 6.30 -8.46
N ILE B 326 22.55 5.59 -8.53
CA ILE B 326 23.86 6.16 -8.26
C ILE B 326 24.64 5.99 -9.56
N ILE B 327 24.95 7.09 -10.22
CA ILE B 327 25.74 7.05 -11.46
C ILE B 327 26.66 8.24 -11.33
N ASP B 328 27.94 7.99 -11.10
CA ASP B 328 28.86 9.11 -10.88
C ASP B 328 30.28 8.61 -10.82
N LEU B 329 31.22 9.55 -10.82
CA LEU B 329 32.62 9.20 -10.63
C LEU B 329 32.77 8.93 -9.13
N HIS B 330 33.71 8.07 -8.77
CA HIS B 330 34.03 7.81 -7.37
C HIS B 330 34.48 9.19 -6.79
N PRO B 331 34.02 9.56 -5.60
CA PRO B 331 34.40 10.86 -5.01
C PRO B 331 35.91 11.11 -4.85
N GLU B 332 36.70 10.05 -4.71
CA GLU B 332 38.15 10.21 -4.54
C GLU B 332 38.98 9.81 -5.75
N HIS B 333 38.34 9.23 -6.75
CA HIS B 333 39.07 8.72 -7.92
C HIS B 333 38.32 9.01 -9.20
N SER B 334 38.77 10.00 -9.95
N SER B 334 38.79 9.99 -9.95
CA SER B 334 38.07 10.36 -11.18
CA SER B 334 38.13 10.37 -11.19
C SER B 334 38.19 9.29 -12.27
C SER B 334 38.24 9.32 -12.29
N ASN B 335 39.10 8.33 -12.08
CA ASN B 335 39.27 7.24 -13.04
C ASN B 335 38.42 6.01 -12.70
N VAL B 336 37.49 6.17 -11.76
CA VAL B 336 36.59 5.07 -11.37
C VAL B 336 35.16 5.60 -11.49
N VAL B 337 34.31 4.83 -12.18
CA VAL B 337 32.91 5.18 -12.38
C VAL B 337 32.04 4.15 -11.67
N ILE B 338 31.04 4.62 -10.96
CA ILE B 338 30.13 3.78 -10.19
C ILE B 338 28.72 3.80 -10.75
N ALA B 339 28.14 2.62 -10.94
CA ALA B 339 26.73 2.48 -11.39
C ALA B 339 26.10 1.52 -10.37
N ALA B 340 25.21 2.01 -9.51
CA ALA B 340 24.65 1.18 -8.46
C ALA B 340 23.28 1.66 -8.01
N GLY B 341 22.60 0.81 -7.23
CA GLY B 341 21.34 1.18 -6.60
C GLY B 341 20.19 1.49 -7.51
N PHE B 342 19.97 0.64 -8.52
CA PHE B 342 18.91 0.89 -9.47
C PHE B 342 17.51 0.71 -8.94
N SER B 343 17.40 0.24 -7.70
CA SER B 343 16.13 0.28 -6.97
C SER B 343 14.89 -0.29 -7.64
N GLY B 344 15.08 -1.33 -8.43
CA GLY B 344 13.97 -1.98 -9.09
C GLY B 344 13.41 -1.32 -10.34
N HIS B 345 14.09 -0.30 -10.87
CA HIS B 345 13.55 0.38 -12.05
C HIS B 345 14.61 0.87 -13.03
N GLY B 346 15.75 0.20 -13.05
CA GLY B 346 16.83 0.63 -13.91
C GLY B 346 16.96 -0.04 -15.26
N PHE B 347 16.33 -1.17 -15.53
CA PHE B 347 16.65 -1.83 -16.79
C PHE B 347 16.36 -1.01 -18.01
N LYS B 348 15.23 -0.33 -18.01
CA LYS B 348 14.84 0.46 -19.16
C LYS B 348 15.88 1.50 -19.55
N PHE B 349 16.64 1.97 -18.56
CA PHE B 349 17.66 3.00 -18.80
C PHE B 349 19.01 2.40 -19.12
N SER B 350 19.15 1.08 -19.15
CA SER B 350 20.50 0.53 -19.29
C SER B 350 21.21 0.93 -20.56
N SER B 351 20.47 1.09 -21.66
CA SER B 351 21.13 1.54 -22.89
C SER B 351 21.68 2.97 -22.69
N GLY B 352 20.88 3.87 -22.12
CA GLY B 352 21.34 5.23 -21.85
C GLY B 352 22.44 5.26 -20.80
N VAL B 353 22.33 4.42 -19.79
CA VAL B 353 23.36 4.38 -18.75
C VAL B 353 24.68 3.88 -19.34
N GLY B 354 24.63 2.90 -20.26
CA GLY B 354 25.86 2.44 -20.89
C GLY B 354 26.56 3.59 -21.60
N GLU B 355 25.79 4.46 -22.26
CA GLU B 355 26.34 5.62 -22.94
C GLU B 355 26.94 6.59 -21.90
N VAL B 356 26.21 6.85 -20.82
CA VAL B 356 26.70 7.74 -19.77
C VAL B 356 27.99 7.21 -19.17
N LEU B 357 28.03 5.91 -18.86
CA LEU B 357 29.23 5.33 -18.24
C LEU B 357 30.43 5.40 -19.17
N SER B 358 30.22 5.17 -20.46
N SER B 358 30.22 5.17 -20.47
CA SER B 358 31.30 5.25 -21.41
CA SER B 358 31.32 5.24 -21.44
C SER B 358 31.84 6.67 -21.40
C SER B 358 31.85 6.67 -21.53
N GLN B 359 30.95 7.65 -21.46
CA GLN B 359 31.35 9.07 -21.50
C GLN B 359 32.12 9.42 -20.22
N LEU B 360 31.61 9.01 -19.05
CA LEU B 360 32.30 9.31 -17.82
C LEU B 360 33.67 8.64 -17.76
N ALA B 361 33.77 7.40 -18.23
CA ALA B 361 35.05 6.70 -18.20
C ALA B 361 36.04 7.37 -19.14
N LEU B 362 35.60 7.76 -20.33
CA LEU B 362 36.53 8.36 -21.30
C LEU B 362 36.84 9.84 -21.11
N THR B 363 35.91 10.60 -20.57
CA THR B 363 36.10 12.05 -20.45
C THR B 363 35.90 12.63 -19.07
N GLY B 364 35.39 11.84 -18.14
CA GLY B 364 35.12 12.36 -16.82
C GLY B 364 33.86 13.21 -16.79
N LYS B 365 33.14 13.27 -17.91
CA LYS B 365 31.92 14.07 -18.01
C LYS B 365 30.92 13.35 -18.90
N THR B 366 29.67 13.84 -18.91
CA THR B 366 28.66 13.26 -19.78
C THR B 366 27.78 14.39 -20.32
N GLU B 367 27.20 14.18 -21.50
CA GLU B 367 26.32 15.19 -22.10
C GLU B 367 24.96 15.17 -21.40
N HIS B 368 24.65 14.06 -20.74
CA HIS B 368 23.37 13.90 -20.04
C HIS B 368 23.39 14.59 -18.68
N ASP B 369 22.25 15.13 -18.23
CA ASP B 369 22.21 15.75 -16.90
C ASP B 369 21.98 14.58 -15.96
N ILE B 370 22.99 14.26 -15.15
CA ILE B 370 22.85 13.16 -14.20
C ILE B 370 22.96 13.61 -12.75
N SER B 371 22.68 14.88 -12.49
CA SER B 371 22.77 15.42 -11.13
C SER B 371 21.88 14.69 -10.13
N ILE B 372 20.73 14.20 -10.58
CA ILE B 372 19.83 13.50 -9.67
C ILE B 372 20.40 12.16 -9.17
N PHE B 373 21.45 11.68 -9.82
CA PHE B 373 22.10 10.41 -9.45
C PHE B 373 23.46 10.59 -8.79
N SER B 374 23.74 11.82 -8.35
CA SER B 374 25.02 12.14 -7.72
C SER B 374 25.30 11.31 -6.48
N ILE B 375 26.52 10.83 -6.36
CA ILE B 375 26.94 10.06 -5.21
C ILE B 375 27.10 10.98 -3.98
N ASN B 376 27.05 12.31 -4.19
CA ASN B 376 27.21 13.29 -3.10
C ASN B 376 25.90 13.87 -2.60
N ARG B 377 24.79 13.48 -3.19
CA ARG B 377 23.51 14.03 -2.75
C ARG B 377 23.25 13.60 -1.31
N PRO B 378 22.70 14.51 -0.49
CA PRO B 378 22.42 14.22 0.92
C PRO B 378 21.53 13.03 1.24
N ALA B 379 20.47 12.83 0.45
CA ALA B 379 19.53 11.74 0.72
C ALA B 379 20.12 10.34 0.62
N LEU B 380 21.23 10.21 -0.09
CA LEU B 380 21.85 8.92 -0.27
C LEU B 380 22.57 8.44 0.99
N LYS B 381 23.08 9.39 1.77
CA LYS B 381 23.82 9.10 3.00
C LYS B 381 25.13 8.35 2.71
N GLU B 382 25.82 8.75 1.65
CA GLU B 382 27.10 8.14 1.31
C GLU B 382 28.20 8.76 2.15
N SER B 383 29.27 7.99 2.38
CA SER B 383 30.41 8.48 3.15
C SER B 383 31.59 7.56 2.87
N LEU B 384 32.76 7.92 3.38
CA LEU B 384 33.96 7.11 3.18
C LEU B 384 34.26 6.35 4.47
N GLN B 385 35.04 5.28 4.37
CA GLN B 385 35.39 4.49 5.54
C GLN B 385 36.56 5.16 6.27
CL CL C . -17.33 -1.26 10.10
P PO4 D . -15.41 -2.68 33.08
O1 PO4 D . -14.70 -3.39 34.19
O2 PO4 D . -16.73 -3.34 32.83
O3 PO4 D . -15.63 -1.25 33.47
O4 PO4 D . -14.58 -2.73 31.84
PA FAD E . -21.81 -3.59 15.74
O1A FAD E . -21.21 -2.81 16.81
O2A FAD E . -21.24 -4.90 15.28
O5B FAD E . -23.32 -3.76 16.05
C5B FAD E . -24.24 -4.52 15.22
C4B FAD E . -25.09 -5.29 16.12
O4B FAD E . -26.20 -5.86 15.41
C3B FAD E . -24.41 -6.44 16.89
O3B FAD E . -24.51 -6.33 18.32
C2B FAD E . -25.13 -7.69 16.40
O2B FAD E . -25.24 -8.80 17.31
C1B FAD E . -26.47 -7.13 15.87
N9A FAD E . -27.25 -7.94 15.00
C8A FAD E . -26.82 -8.44 13.81
N7A FAD E . -27.73 -9.07 13.15
C5A FAD E . -28.84 -8.99 13.95
C6A FAD E . -30.16 -9.47 13.83
N6A FAD E . -30.57 -10.17 12.75
N1A FAD E . -31.04 -9.24 14.82
C2A FAD E . -30.63 -8.54 15.90
N3A FAD E . -29.38 -8.03 16.09
C4A FAD E . -28.54 -8.31 15.07
N1 FAD E . -13.57 2.53 14.24
C2 FAD E . -13.05 3.69 14.76
O2 FAD E . -13.67 4.73 14.77
N3 FAD E . -11.78 3.60 15.31
C4 FAD E . -10.97 2.43 15.35
O4 FAD E . -9.86 2.48 15.90
C4X FAD E . -11.55 1.30 14.78
N5 FAD E . -10.76 0.16 14.83
C5X FAD E . -11.39 -0.99 14.40
C6 FAD E . -10.64 -2.21 14.50
C7 FAD E . -11.25 -3.42 14.19
C7M FAD E . -10.46 -4.69 14.28
C8 FAD E . -12.65 -3.39 13.80
C8M FAD E . -13.46 -4.58 13.68
C9 FAD E . -13.35 -2.22 13.66
C9A FAD E . -12.73 -1.00 13.94
N10 FAD E . -13.44 0.23 13.83
C10 FAD E . -12.84 1.42 14.26
C1' FAD E . -14.80 0.31 13.15
C2' FAD E . -15.93 0.36 14.18
O2' FAD E . -15.63 -0.60 15.25
C3' FAD E . -17.17 -0.08 13.38
O3' FAD E . -17.38 0.83 12.32
C4' FAD E . -18.45 -0.05 14.40
O4' FAD E . -18.26 -0.82 15.49
C5' FAD E . -19.62 -0.39 13.57
O5' FAD E . -20.79 -0.37 14.51
P FAD E . -22.17 -1.09 14.19
O1P FAD E . -22.46 -0.95 12.77
O2P FAD E . -23.08 -0.69 15.24
O3P FAD E . -21.78 -2.71 14.35
C1 FOA F . -9.94 4.98 12.96
C2 FOA F . -9.16 3.80 13.07
C3 FOA F . -8.07 3.55 13.80
C4 FOA F . -7.75 2.24 13.52
C5 FOA F . -8.63 1.75 12.66
O6 FOA F . -10.93 4.96 12.21
O7 FOA F . -9.56 5.94 13.62
O8 FOA F . -9.55 2.69 12.34
C1 FOA G . -15.62 -4.00 -1.15
C2 FOA G . -17.04 -3.80 -1.42
C3 FOA G . -17.90 -4.48 -2.20
C4 FOA G . -19.14 -3.84 -2.07
C5 FOA G . -18.97 -2.81 -1.22
O6 FOA G . -15.04 -3.21 -0.38
O7 FOA G . -15.06 -4.98 -1.71
O8 FOA G . -17.69 -2.75 -0.80
C1 GOL H . -0.91 11.70 29.14
O1 GOL H . -0.74 12.99 29.71
C2 GOL H . -0.58 10.60 30.18
O2 GOL H . 0.58 10.92 30.95
C3 GOL H . -0.43 9.22 29.53
O3 GOL H . -0.72 9.18 28.16
CL CL I . 17.70 -2.96 -9.09
P PO4 J . 4.76 7.95 -24.89
O1 PO4 J . 5.64 6.80 -24.54
O2 PO4 J . 3.44 7.44 -25.38
O3 PO4 J . 4.57 8.82 -23.71
O4 PO4 J . 5.39 8.75 -25.99
P PO4 K . 17.14 -15.55 -28.43
O1 PO4 K . 18.50 -15.79 -27.88
O2 PO4 K . 17.18 -14.41 -29.40
O3 PO4 K . 16.66 -16.77 -29.14
O4 PO4 K . 16.20 -15.24 -27.30
C1 FOA L . 15.90 -0.19 2.09
C2 FOA L . 17.24 0.38 2.17
C3 FOA L . 18.18 0.26 3.13
C4 FOA L . 19.28 1.01 2.71
C5 FOA L . 18.96 1.56 1.51
O6 FOA L . 15.18 0.07 1.09
O7 FOA L . 15.55 -0.93 3.04
O8 FOA L . 17.69 1.20 1.15
PA FAD M . 22.80 -6.92 -13.02
O1A FAD M . 22.14 -6.91 -14.32
O2A FAD M . 22.43 -7.91 -11.98
O5B FAD M . 24.33 -6.95 -13.26
C5B FAD M . 25.33 -7.02 -12.20
C4B FAD M . 26.33 -7.97 -12.66
O4B FAD M . 27.51 -7.89 -11.87
C3B FAD M . 25.92 -9.45 -12.69
O3B FAD M . 26.03 -10.03 -14.01
C2B FAD M . 26.83 -10.12 -11.72
O2B FAD M . 27.18 -11.49 -11.97
C1B FAD M . 28.02 -9.13 -11.62
N9A FAD M . 28.89 -9.23 -10.50
C8A FAD M . 28.49 -9.06 -9.21
N7A FAD M . 29.47 -9.07 -8.37
C5A FAD M . 30.58 -9.25 -9.14
C6A FAD M . 31.97 -9.35 -8.85
N6A FAD M . 32.43 -9.26 -7.58
N1A FAD M . 32.86 -9.53 -9.85
C2A FAD M . 32.39 -9.61 -11.12
N3A FAD M . 31.07 -9.54 -11.50
C4A FAD M . 30.23 -9.35 -10.44
N1 FAD M . 13.59 -2.34 -14.42
C2 FAD M . 12.93 -1.68 -15.40
O2 FAD M . 13.36 -0.67 -15.94
N3 FAD M . 11.71 -2.23 -15.80
C4 FAD M . 11.11 -3.37 -15.24
O4 FAD M . 10.02 -3.79 -15.71
C4X FAD M . 11.82 -4.00 -14.21
N5 FAD M . 11.23 -5.13 -13.66
C5X FAD M . 12.02 -5.81 -12.77
C6 FAD M . 11.49 -7.03 -12.23
C7 FAD M . 12.26 -7.82 -11.41
C7M FAD M . 11.67 -9.08 -10.86
C8 FAD M . 13.62 -7.41 -11.14
C8M FAD M . 14.59 -8.25 -10.50
C9 FAD M . 14.12 -6.22 -11.62
C9A FAD M . 13.32 -5.40 -12.41
N10 FAD M . 13.81 -4.17 -12.94
C10 FAD M . 13.06 -3.45 -13.86
C1' FAD M . 15.09 -3.55 -12.44
C2' FAD M . 16.25 -3.82 -13.41
O2' FAD M . 16.18 -5.21 -13.86
C3' FAD M . 17.52 -3.59 -12.54
O3' FAD M . 17.52 -2.25 -12.06
C4' FAD M . 18.82 -3.83 -13.49
O4' FAD M . 18.83 -5.05 -14.08
C5' FAD M . 19.98 -3.51 -12.62
O5' FAD M . 21.17 -3.75 -13.49
P FAD M . 22.65 -3.98 -12.92
O1P FAD M . 22.86 -3.13 -11.74
O2P FAD M . 23.53 -3.97 -14.05
O3P FAD M . 22.53 -5.49 -12.26
C1 FOA N . 9.47 -0.20 -14.40
C2 FOA N . 8.93 -1.42 -13.88
C3 FOA N . 7.93 -2.15 -14.36
C4 FOA N . 7.82 -3.22 -13.49
C5 FOA N . 8.74 -3.09 -12.52
O6 FOA N . 10.43 0.33 -13.78
O7 FOA N . 8.95 0.23 -15.44
O8 FOA N . 9.46 -1.97 -12.72
C1 GOL O . 0.12 -4.93 -28.92
O1 GOL O . 0.67 -3.70 -29.32
C2 GOL O . 0.54 -6.01 -29.95
O2 GOL O . 1.93 -6.25 -29.90
C3 GOL O . 0.04 -5.78 -31.34
O3 GOL O . 0.58 -4.60 -31.92
#